data_7Q6F
#
_entry.id   7Q6F
#
_cell.length_a   48.503
_cell.length_b   109.628
_cell.length_c   92.490
_cell.angle_alpha   90.000
_cell.angle_beta   102.140
_cell.angle_gamma   90.000
#
_symmetry.space_group_name_H-M   'P 1 21 1'
#
loop_
_entity.id
_entity.type
_entity.pdbx_description
1 polymer 'Cell division protein FtsA'
2 non-polymer "ADENOSINE-5'-TRIPHOSPHATE"
3 non-polymer 'MAGNESIUM ION'
#
_entity_poly.entity_id   1
_entity_poly.type   'polypeptide(L)'
_entity_poly.pdbx_seq_one_letter_code
;MTKTTDDNIIVGLDIGTATVSALVGEVLPDGQVNIIGAGSSPSRGMDKGGVNDLESVVKSVQRAVDQAELMAECQISSVF
ISLSGKHIASRIEKGMGTISEEEVSQDDMDRAIHTAKSIKIGDEQRILHVIPQEFTIDYQEGIKNPLGLSGVRMEVSVHL
ISCHNDMARNIIKAVERCGLKVEQLVFSGLASSNAVITEDERELGVCVVDIGAGTMDISIWTGGALRHTEVFSYAGNAVT
SDIAFAFGTPLSDAEEIKVKYGCALSELVSKDDTVNVPSVGGRPSRSLQRQTLAEVIEPRYTELMGLVNQTIDNVQAKLR
ENGVKHHLAAGVVLTGGAAQIEGVVECAERVFRNQVRVGKPLEVSGLTDYVKEPYHSTAVGLLHYARDSQDNDDND
;
_entity_poly.pdbx_strand_id   A,B
#
loop_
_chem_comp.id
_chem_comp.type
_chem_comp.name
_chem_comp.formula
ATP non-polymer ADENOSINE-5'-TRIPHOSPHATE 'C10 H16 N5 O13 P3'
MG non-polymer 'MAGNESIUM ION' 'Mg 2'
#
# COMPACT_ATOMS: atom_id res chain seq x y z
N ASN A 8 6.37 -19.72 -38.86
CA ASN A 8 5.27 -18.92 -38.34
C ASN A 8 5.70 -17.47 -38.17
N ILE A 9 4.73 -16.56 -38.09
CA ILE A 9 4.99 -15.13 -37.97
C ILE A 9 4.96 -14.75 -36.50
N ILE A 10 5.98 -14.02 -36.06
CA ILE A 10 6.12 -13.58 -34.67
C ILE A 10 6.29 -12.07 -34.67
N VAL A 11 5.67 -11.39 -33.70
CA VAL A 11 5.65 -9.94 -33.64
C VAL A 11 5.97 -9.45 -32.24
N GLY A 12 6.79 -8.42 -32.14
CA GLY A 12 7.05 -7.76 -30.87
C GLY A 12 6.86 -6.26 -31.01
N LEU A 13 6.35 -5.63 -29.95
CA LEU A 13 5.97 -4.22 -29.97
C LEU A 13 6.48 -3.52 -28.72
N ASP A 14 7.38 -2.57 -28.89
CA ASP A 14 7.98 -1.81 -27.78
C ASP A 14 7.46 -0.36 -27.84
N ILE A 15 6.37 -0.10 -27.12
CA ILE A 15 5.80 1.24 -27.03
C ILE A 15 6.62 2.02 -25.99
N GLY A 16 7.50 2.89 -26.46
CA GLY A 16 8.37 3.64 -25.58
C GLY A 16 7.92 5.08 -25.37
N THR A 17 8.57 5.73 -24.39
CA THR A 17 8.30 7.13 -24.09
C THR A 17 8.81 8.07 -25.19
N ALA A 18 9.67 7.60 -26.09
CA ALA A 18 10.18 8.43 -27.17
C ALA A 18 9.87 7.83 -28.54
N THR A 19 10.29 6.60 -28.80
CA THR A 19 10.06 5.95 -30.08
C THR A 19 9.32 4.63 -29.88
N VAL A 20 8.48 4.29 -30.84
CA VAL A 20 7.78 3.01 -30.86
C VAL A 20 8.44 2.12 -31.90
N SER A 21 8.77 0.89 -31.50
CA SER A 21 9.46 -0.06 -32.36
C SER A 21 8.64 -1.34 -32.49
N ALA A 22 8.42 -1.77 -33.73
CA ALA A 22 7.72 -3.00 -34.02
C ALA A 22 8.61 -3.89 -34.88
N LEU A 23 8.66 -5.19 -34.54
CA LEU A 23 9.54 -6.14 -35.21
C LEU A 23 8.77 -7.41 -35.54
N VAL A 24 8.91 -7.87 -36.78
CA VAL A 24 8.32 -9.12 -37.25
C VAL A 24 9.44 -10.13 -37.43
N GLY A 25 9.16 -11.39 -37.08
CA GLY A 25 10.19 -12.41 -37.12
C GLY A 25 9.63 -13.77 -37.49
N GLU A 26 10.55 -14.70 -37.76
CA GLU A 26 10.22 -16.06 -38.13
C GLU A 26 10.84 -17.03 -37.14
N VAL A 27 10.16 -18.15 -36.91
CA VAL A 27 10.65 -19.19 -36.03
C VAL A 27 11.40 -20.24 -36.86
N LEU A 28 12.51 -20.72 -36.32
CA LEU A 28 13.36 -21.70 -36.98
C LEU A 28 13.58 -22.88 -36.06
N PRO A 29 13.98 -24.04 -36.61
CA PRO A 29 14.05 -25.26 -35.79
C PRO A 29 15.01 -25.17 -34.61
N ASP A 30 16.21 -24.64 -34.80
CA ASP A 30 17.20 -24.64 -33.73
C ASP A 30 16.84 -23.72 -32.57
N GLY A 31 15.86 -22.84 -32.74
CA GLY A 31 15.44 -21.93 -31.68
C GLY A 31 16.00 -20.54 -31.88
N GLN A 32 16.03 -20.09 -33.13
CA GLN A 32 16.54 -18.79 -33.50
C GLN A 32 15.41 -17.92 -34.06
N VAL A 33 15.63 -16.62 -34.06
CA VAL A 33 14.63 -15.64 -34.48
C VAL A 33 15.13 -14.99 -35.76
N ASN A 34 14.48 -15.32 -36.88
CA ASN A 34 14.79 -14.70 -38.16
C ASN A 34 13.83 -13.52 -38.36
N ILE A 35 14.34 -12.31 -38.08
CA ILE A 35 13.51 -11.11 -38.20
C ILE A 35 13.23 -10.82 -39.68
N ILE A 36 11.97 -10.63 -40.01
CA ILE A 36 11.55 -10.39 -41.38
C ILE A 36 11.20 -8.92 -41.62
N GLY A 37 10.61 -8.26 -40.63
CA GLY A 37 10.18 -6.88 -40.80
C GLY A 37 10.42 -6.07 -39.55
N ALA A 38 10.75 -4.80 -39.74
CA ALA A 38 11.03 -3.88 -38.66
C ALA A 38 10.30 -2.56 -38.90
N GLY A 39 9.81 -1.96 -37.82
CA GLY A 39 9.11 -0.70 -37.92
C GLY A 39 9.52 0.23 -36.79
N SER A 40 9.41 1.52 -37.06
CA SER A 40 9.78 2.54 -36.09
C SER A 40 8.97 3.81 -36.34
N SER A 41 8.63 4.50 -35.26
CA SER A 41 7.88 5.74 -35.34
C SER A 41 8.01 6.49 -34.02
N PRO A 42 8.07 7.82 -34.03
CA PRO A 42 8.14 8.56 -32.76
C PRO A 42 6.83 8.46 -32.00
N SER A 43 6.94 8.40 -30.67
CA SER A 43 5.78 8.26 -29.80
C SER A 43 5.40 9.63 -29.25
N ARG A 44 4.13 9.98 -29.40
CA ARG A 44 3.59 11.23 -28.88
C ARG A 44 2.54 10.91 -27.82
N GLY A 45 2.47 11.75 -26.80
CA GLY A 45 1.55 11.52 -25.70
C GLY A 45 1.93 10.29 -24.87
N MET A 46 3.13 10.32 -24.30
CA MET A 46 3.65 9.24 -23.50
C MET A 46 4.66 9.81 -22.52
N ASP A 47 4.53 9.46 -21.23
CA ASP A 47 5.38 10.05 -20.21
C ASP A 47 5.63 9.04 -19.09
N LYS A 48 6.91 8.92 -18.69
CA LYS A 48 7.31 8.09 -17.56
C LYS A 48 6.92 6.63 -17.77
N GLY A 49 6.87 6.18 -19.01
CA GLY A 49 6.50 4.82 -19.33
C GLY A 49 5.03 4.61 -19.60
N GLY A 50 4.16 5.47 -19.08
CA GLY A 50 2.73 5.37 -19.28
C GLY A 50 2.22 6.39 -20.29
N VAL A 51 0.96 6.21 -20.68
CA VAL A 51 0.36 7.07 -21.70
C VAL A 51 -0.12 8.38 -21.09
N ASN A 52 -0.25 9.40 -21.93
CA ASN A 52 -0.79 10.69 -21.53
C ASN A 52 -1.87 11.10 -22.52
N ASP A 53 -1.69 10.74 -23.79
CA ASP A 53 -2.66 10.99 -24.85
C ASP A 53 -2.89 9.65 -25.56
N LEU A 54 -4.10 9.10 -25.39
CA LEU A 54 -4.38 7.78 -25.96
C LEU A 54 -4.50 7.84 -27.47
N GLU A 55 -5.13 8.91 -28.00
CA GLU A 55 -5.27 9.03 -29.45
C GLU A 55 -3.93 9.22 -30.14
N SER A 56 -2.94 9.77 -29.43
CA SER A 56 -1.63 9.98 -30.04
C SER A 56 -0.84 8.69 -30.15
N VAL A 57 -0.89 7.84 -29.12
CA VAL A 57 -0.14 6.59 -29.17
C VAL A 57 -0.81 5.58 -30.10
N VAL A 58 -2.12 5.67 -30.28
CA VAL A 58 -2.79 4.74 -31.20
C VAL A 58 -2.33 4.99 -32.63
N LYS A 59 -2.27 6.25 -33.04
CA LYS A 59 -1.73 6.56 -34.36
C LYS A 59 -0.24 6.25 -34.42
N SER A 60 0.50 6.60 -33.37
CA SER A 60 1.95 6.39 -33.37
C SER A 60 2.31 4.91 -33.37
N VAL A 61 1.50 4.07 -32.71
CA VAL A 61 1.79 2.65 -32.71
C VAL A 61 1.23 1.97 -33.96
N GLN A 62 0.28 2.60 -34.65
CA GLN A 62 -0.19 2.07 -35.93
C GLN A 62 0.74 2.50 -37.06
N ARG A 63 1.38 3.66 -36.91
CA ARG A 63 2.37 4.11 -37.88
C ARG A 63 3.52 3.12 -37.98
N ALA A 64 4.03 2.67 -36.83
CA ALA A 64 5.16 1.74 -36.82
C ALA A 64 4.74 0.31 -37.18
N VAL A 65 3.52 -0.10 -36.84
CA VAL A 65 3.08 -1.45 -37.17
C VAL A 65 2.63 -1.59 -38.62
N ASP A 66 2.32 -0.48 -39.28
CA ASP A 66 1.92 -0.56 -40.69
C ASP A 66 3.13 -0.61 -41.62
N GLN A 67 4.19 0.14 -41.30
CA GLN A 67 5.41 0.07 -42.08
C GLN A 67 6.19 -1.22 -41.83
N ALA A 68 5.88 -1.96 -40.77
CA ALA A 68 6.57 -3.22 -40.48
C ALA A 68 5.89 -4.42 -41.09
N GLU A 69 4.58 -4.36 -41.33
CA GLU A 69 3.91 -5.44 -42.05
C GLU A 69 4.16 -5.31 -43.55
N LEU A 70 4.30 -4.07 -44.04
CA LEU A 70 4.70 -3.86 -45.43
C LEU A 70 6.08 -4.44 -45.69
N MET A 71 6.95 -4.41 -44.68
CA MET A 71 8.32 -4.89 -44.78
C MET A 71 8.46 -6.35 -44.38
N ALA A 72 7.37 -7.12 -44.47
CA ALA A 72 7.39 -8.53 -44.13
C ALA A 72 6.41 -9.30 -45.01
N GLU A 73 5.51 -8.57 -45.66
CA GLU A 73 4.53 -9.14 -46.60
C GLU A 73 3.60 -10.13 -45.90
N CYS A 74 3.01 -9.69 -44.79
CA CYS A 74 2.07 -10.48 -44.01
C CYS A 74 1.35 -9.55 -43.05
N GLN A 75 0.08 -9.85 -42.78
CA GLN A 75 -0.68 -9.05 -41.84
C GLN A 75 -0.33 -9.45 -40.41
N ILE A 76 -0.36 -8.47 -39.52
CA ILE A 76 -0.03 -8.66 -38.11
C ILE A 76 -1.33 -8.79 -37.32
N SER A 77 -1.41 -9.81 -36.47
CA SER A 77 -2.59 -10.04 -35.64
C SER A 77 -2.22 -10.03 -34.16
N SER A 78 -1.51 -11.03 -33.67
CA SER A 78 -1.13 -11.12 -32.26
C SER A 78 0.28 -10.56 -32.09
N VAL A 79 0.45 -9.72 -31.07
CA VAL A 79 1.71 -9.05 -30.79
C VAL A 79 2.11 -9.31 -29.35
N PHE A 80 3.38 -9.02 -29.05
CA PHE A 80 3.93 -9.08 -27.70
C PHE A 80 4.39 -7.68 -27.32
N ILE A 81 3.64 -7.02 -26.44
CA ILE A 81 3.93 -5.64 -26.07
C ILE A 81 4.73 -5.61 -24.78
N SER A 82 5.48 -4.53 -24.59
CA SER A 82 6.26 -4.30 -23.39
C SER A 82 5.71 -3.09 -22.63
N LEU A 83 5.92 -3.10 -21.31
CA LEU A 83 5.46 -2.01 -20.47
C LEU A 83 6.41 -1.85 -19.30
N SER A 84 6.54 -0.62 -18.80
CA SER A 84 7.40 -0.34 -17.67
C SER A 84 6.87 0.89 -16.93
N GLY A 85 7.41 1.08 -15.74
CA GLY A 85 6.97 2.18 -14.89
C GLY A 85 7.35 1.90 -13.45
N LYS A 86 7.27 2.95 -12.64
CA LYS A 86 7.69 2.84 -11.24
C LYS A 86 6.83 1.85 -10.46
N HIS A 87 5.65 1.51 -10.96
CA HIS A 87 4.77 0.56 -10.30
C HIS A 87 5.24 -0.89 -10.43
N ILE A 88 6.21 -1.16 -11.29
CA ILE A 88 6.70 -2.52 -11.47
C ILE A 88 7.43 -2.96 -10.20
N ALA A 89 6.89 -3.97 -9.53
CA ALA A 89 7.45 -4.50 -8.30
C ALA A 89 7.72 -5.99 -8.44
N SER A 90 8.78 -6.46 -7.79
CA SER A 90 9.18 -7.85 -7.83
C SER A 90 9.07 -8.46 -6.44
N ARG A 91 8.56 -9.68 -6.37
CA ARG A 91 8.38 -10.38 -5.12
C ARG A 91 8.84 -11.83 -5.27
N ILE A 92 9.57 -12.31 -4.27
CA ILE A 92 9.98 -13.71 -4.19
C ILE A 92 9.01 -14.44 -3.27
N GLU A 93 8.34 -15.46 -3.80
CA GLU A 93 7.37 -16.23 -3.04
C GLU A 93 7.68 -17.71 -3.19
N LYS A 94 7.35 -18.47 -2.13
CA LYS A 94 7.63 -19.90 -2.08
C LYS A 94 6.33 -20.69 -1.99
N GLY A 95 6.27 -21.79 -2.75
CA GLY A 95 5.12 -22.66 -2.74
C GLY A 95 5.55 -24.11 -2.62
N MET A 96 4.58 -24.96 -2.31
CA MET A 96 4.84 -26.39 -2.14
C MET A 96 3.56 -27.16 -2.35
N GLY A 97 3.71 -28.47 -2.56
CA GLY A 97 2.57 -29.33 -2.78
C GLY A 97 3.01 -30.77 -2.85
N THR A 98 2.03 -31.66 -2.70
CA THR A 98 2.32 -33.09 -2.74
C THR A 98 2.59 -33.55 -4.17
N ILE A 99 3.06 -34.78 -4.30
CA ILE A 99 3.38 -35.39 -5.58
C ILE A 99 2.56 -36.67 -5.66
N SER A 100 1.41 -36.60 -6.34
CA SER A 100 0.59 -37.78 -6.51
C SER A 100 1.29 -38.80 -7.42
N GLU A 101 0.99 -40.07 -7.17
CA GLU A 101 1.48 -41.23 -7.93
C GLU A 101 3.01 -41.39 -7.87
N GLU A 102 3.68 -40.66 -6.98
CA GLU A 102 5.14 -40.72 -6.83
C GLU A 102 5.87 -40.46 -8.14
N GLU A 103 5.30 -39.60 -8.98
CA GLU A 103 5.90 -39.24 -10.26
C GLU A 103 5.37 -37.87 -10.64
N VAL A 104 6.23 -36.86 -10.65
CA VAL A 104 5.80 -35.48 -10.84
C VAL A 104 5.24 -35.32 -12.25
N SER A 105 3.98 -34.89 -12.34
CA SER A 105 3.34 -34.60 -13.60
C SER A 105 3.28 -33.09 -13.80
N GLN A 106 2.48 -32.65 -14.77
CA GLN A 106 2.31 -31.22 -14.96
C GLN A 106 1.32 -30.63 -13.97
N ASP A 107 0.32 -31.42 -13.55
CA ASP A 107 -0.65 -30.93 -12.58
C ASP A 107 0.01 -30.72 -11.22
N ASP A 108 0.96 -31.58 -10.86
CA ASP A 108 1.63 -31.46 -9.56
C ASP A 108 2.49 -30.21 -9.46
N MET A 109 2.94 -29.66 -10.59
CA MET A 109 3.68 -28.40 -10.55
C MET A 109 2.78 -27.17 -10.58
N ASP A 110 1.71 -27.21 -11.37
CA ASP A 110 0.81 -26.06 -11.42
C ASP A 110 0.16 -25.82 -10.06
N ARG A 111 -0.16 -26.90 -9.34
CA ARG A 111 -0.70 -26.75 -8.00
C ARG A 111 0.37 -26.23 -7.02
N ALA A 112 1.63 -26.56 -7.27
CA ALA A 112 2.71 -26.04 -6.44
C ALA A 112 3.05 -24.60 -6.81
N ILE A 113 2.94 -24.24 -8.08
CA ILE A 113 3.13 -22.86 -8.50
C ILE A 113 1.90 -22.03 -8.13
N HIS A 114 0.71 -22.63 -8.15
CA HIS A 114 -0.50 -21.91 -7.78
C HIS A 114 -0.43 -21.44 -6.33
N THR A 115 0.13 -22.26 -5.45
CA THR A 115 0.26 -21.89 -4.04
C THR A 115 1.28 -20.77 -3.85
N ALA A 116 2.24 -20.62 -4.76
CA ALA A 116 3.27 -19.61 -4.59
C ALA A 116 2.79 -18.23 -5.03
N LYS A 117 1.93 -18.16 -6.05
CA LYS A 117 1.45 -16.89 -6.58
C LYS A 117 0.12 -16.46 -5.99
N SER A 118 -0.49 -17.27 -5.13
CA SER A 118 -1.75 -16.91 -4.48
C SER A 118 -1.43 -16.09 -3.24
N ILE A 119 -1.17 -14.80 -3.46
CA ILE A 119 -0.84 -13.88 -2.38
C ILE A 119 -1.89 -12.79 -2.33
N LYS A 120 -1.95 -12.09 -1.20
CA LYS A 120 -2.84 -10.94 -1.06
C LYS A 120 -2.17 -9.74 -1.72
N ILE A 121 -2.60 -9.42 -2.93
CA ILE A 121 -2.01 -8.34 -3.72
C ILE A 121 -2.88 -7.09 -3.72
N GLY A 122 -4.19 -7.27 -3.76
CA GLY A 122 -5.12 -6.17 -3.90
C GLY A 122 -5.79 -6.15 -5.26
N ASP A 123 -6.05 -4.96 -5.79
CA ASP A 123 -6.66 -4.88 -7.12
C ASP A 123 -5.95 -3.84 -7.96
N GLU A 124 -5.40 -2.80 -7.32
CA GLU A 124 -4.62 -1.83 -8.08
C GLU A 124 -3.43 -2.47 -8.77
N GLN A 125 -2.97 -3.61 -8.27
CA GLN A 125 -1.85 -4.33 -8.85
C GLN A 125 -2.34 -5.56 -9.59
N ARG A 126 -1.62 -5.93 -10.65
CA ARG A 126 -1.88 -7.15 -11.39
C ARG A 126 -0.53 -7.77 -11.75
N ILE A 127 -0.45 -9.09 -11.63
CA ILE A 127 0.81 -9.81 -11.87
C ILE A 127 0.88 -10.16 -13.35
N LEU A 128 2.05 -9.90 -13.95
CA LEU A 128 2.26 -10.16 -15.37
C LEU A 128 3.35 -11.18 -15.65
N HIS A 129 4.20 -11.49 -14.67
CA HIS A 129 5.25 -12.48 -14.85
C HIS A 129 5.28 -13.39 -13.63
N VAL A 130 5.31 -14.70 -13.88
CA VAL A 130 5.46 -15.72 -12.84
C VAL A 130 6.61 -16.60 -13.30
N ILE A 131 7.72 -16.55 -12.58
CA ILE A 131 8.94 -17.23 -13.03
C ILE A 131 9.37 -18.28 -12.01
N PRO A 132 8.97 -19.55 -12.19
CA PRO A 132 9.45 -20.62 -11.30
C PRO A 132 10.95 -20.81 -11.51
N GLN A 133 11.72 -20.64 -10.45
CA GLN A 133 13.17 -20.65 -10.57
C GLN A 133 13.76 -21.99 -10.16
N GLU A 134 13.72 -22.31 -8.87
CA GLU A 134 14.38 -23.49 -8.33
C GLU A 134 13.36 -24.35 -7.58
N PHE A 135 13.39 -25.65 -7.84
CA PHE A 135 12.52 -26.61 -7.18
C PHE A 135 13.31 -27.39 -6.13
N THR A 136 12.58 -28.19 -5.33
CA THR A 136 13.19 -28.93 -4.22
C THR A 136 12.35 -30.19 -3.97
N ILE A 137 12.72 -31.27 -4.65
CA ILE A 137 12.02 -32.55 -4.52
C ILE A 137 12.73 -33.37 -3.43
N ASP A 138 12.19 -33.30 -2.21
CA ASP A 138 12.62 -34.18 -1.11
C ASP A 138 14.12 -34.16 -0.88
N TYR A 139 14.62 -33.14 -0.18
CA TYR A 139 16.03 -32.92 0.12
C TYR A 139 16.91 -32.85 -1.12
N GLN A 140 16.33 -32.85 -2.32
CA GLN A 140 17.10 -32.72 -3.56
C GLN A 140 16.92 -31.28 -4.02
N GLU A 141 17.69 -30.39 -3.41
CA GLU A 141 17.60 -28.97 -3.71
C GLU A 141 18.29 -28.65 -5.03
N GLY A 142 17.88 -27.54 -5.63
CA GLY A 142 18.47 -27.07 -6.87
C GLY A 142 18.07 -27.93 -8.05
N ILE A 143 16.78 -27.90 -8.39
CA ILE A 143 16.26 -28.62 -9.53
C ILE A 143 15.50 -27.60 -10.38
N LYS A 144 15.88 -27.46 -11.64
CA LYS A 144 15.25 -26.42 -12.44
C LYS A 144 13.95 -26.86 -13.09
N ASN A 145 13.88 -28.07 -13.64
CA ASN A 145 12.66 -28.58 -14.27
C ASN A 145 12.41 -30.00 -13.81
N PRO A 146 11.56 -30.19 -12.80
CA PRO A 146 11.35 -31.52 -12.19
C PRO A 146 10.17 -32.29 -12.79
N LEU A 147 10.26 -32.60 -14.09
CA LEU A 147 9.21 -33.38 -14.76
C LEU A 147 9.70 -34.81 -14.94
N GLY A 148 8.94 -35.77 -14.42
CA GLY A 148 9.27 -37.17 -14.50
C GLY A 148 10.01 -37.68 -13.30
N LEU A 149 10.56 -36.79 -12.48
CA LEU A 149 11.29 -37.19 -11.29
C LEU A 149 10.35 -37.84 -10.30
N SER A 150 10.88 -38.77 -9.52
CA SER A 150 10.09 -39.47 -8.51
C SER A 150 10.34 -38.86 -7.14
N GLY A 151 9.29 -38.85 -6.32
CA GLY A 151 9.37 -38.26 -5.01
C GLY A 151 8.00 -38.18 -4.37
N VAL A 152 7.98 -37.58 -3.18
CA VAL A 152 6.75 -37.46 -2.41
C VAL A 152 6.28 -36.01 -2.28
N ARG A 153 7.19 -35.04 -2.22
CA ARG A 153 6.81 -33.65 -1.98
C ARG A 153 7.84 -32.73 -2.64
N MET A 154 7.35 -31.64 -3.22
CA MET A 154 8.20 -30.66 -3.90
C MET A 154 7.97 -29.28 -3.32
N GLU A 155 8.99 -28.42 -3.46
CA GLU A 155 8.93 -27.04 -3.04
C GLU A 155 9.45 -26.16 -4.16
N VAL A 156 8.83 -24.99 -4.34
CA VAL A 156 9.18 -24.08 -5.43
C VAL A 156 9.44 -22.70 -4.85
N SER A 157 10.37 -21.98 -5.49
CA SER A 157 10.58 -20.55 -5.23
C SER A 157 10.28 -19.81 -6.52
N VAL A 158 9.18 -19.06 -6.53
CA VAL A 158 8.65 -18.42 -7.73
C VAL A 158 8.88 -16.92 -7.63
N HIS A 159 9.37 -16.32 -8.72
CA HIS A 159 9.59 -14.88 -8.79
C HIS A 159 8.37 -14.21 -9.42
N LEU A 160 7.77 -13.28 -8.70
CA LEU A 160 6.58 -12.56 -9.14
C LEU A 160 6.95 -11.15 -9.56
N ILE A 161 6.35 -10.69 -10.66
CA ILE A 161 6.49 -9.33 -11.14
C ILE A 161 5.11 -8.78 -11.43
N SER A 162 4.72 -7.74 -10.70
CA SER A 162 3.39 -7.14 -10.82
C SER A 162 3.52 -5.70 -11.31
N CYS A 163 2.36 -5.10 -11.57
CA CYS A 163 2.32 -3.74 -12.11
C CYS A 163 0.95 -3.13 -11.81
N HIS A 164 0.89 -1.80 -11.96
CA HIS A 164 -0.38 -1.10 -11.77
C HIS A 164 -1.35 -1.50 -12.87
N ASN A 165 -2.58 -1.87 -12.47
CA ASN A 165 -3.56 -2.34 -13.44
C ASN A 165 -3.96 -1.24 -14.41
N ASP A 166 -4.33 -0.07 -13.88
CA ASP A 166 -4.83 1.00 -14.75
C ASP A 166 -3.76 1.50 -15.71
N MET A 167 -2.48 1.42 -15.32
CA MET A 167 -1.42 1.81 -16.22
C MET A 167 -1.13 0.74 -17.26
N ALA A 168 -1.60 -0.48 -17.04
CA ALA A 168 -1.49 -1.54 -18.04
C ALA A 168 -2.70 -1.60 -18.95
N ARG A 169 -3.88 -1.21 -18.45
CA ARG A 169 -5.07 -1.15 -19.29
C ARG A 169 -4.94 -0.07 -20.36
N ASN A 170 -4.28 1.05 -20.04
CA ASN A 170 -4.10 2.10 -21.03
C ASN A 170 -3.18 1.66 -22.15
N ILE A 171 -2.13 0.90 -21.82
CA ILE A 171 -1.20 0.42 -22.84
C ILE A 171 -1.85 -0.65 -23.70
N ILE A 172 -2.67 -1.51 -23.09
CA ILE A 172 -3.34 -2.56 -23.84
C ILE A 172 -4.36 -1.95 -24.80
N LYS A 173 -5.07 -0.91 -24.37
CA LYS A 173 -6.09 -0.31 -25.22
C LYS A 173 -5.51 0.33 -26.47
N ALA A 174 -4.29 0.87 -26.37
CA ALA A 174 -3.66 1.47 -27.54
C ALA A 174 -3.35 0.42 -28.61
N VAL A 175 -3.05 -0.81 -28.20
CA VAL A 175 -2.76 -1.86 -29.16
C VAL A 175 -4.05 -2.44 -29.73
N GLU A 176 -5.09 -2.57 -28.90
CA GLU A 176 -6.36 -3.10 -29.37
C GLU A 176 -7.10 -2.12 -30.27
N ARG A 177 -6.91 -0.81 -30.05
CA ARG A 177 -7.55 0.19 -30.90
C ARG A 177 -7.03 0.16 -32.32
N CYS A 178 -5.86 -0.45 -32.54
CA CYS A 178 -5.32 -0.60 -33.89
C CYS A 178 -5.81 -1.87 -34.58
N GLY A 179 -6.56 -2.71 -33.88
CA GLY A 179 -7.04 -3.95 -34.45
C GLY A 179 -6.24 -5.18 -34.10
N LEU A 180 -5.33 -5.08 -33.14
CA LEU A 180 -4.49 -6.20 -32.75
C LEU A 180 -4.97 -6.83 -31.45
N LYS A 181 -4.43 -8.01 -31.16
CA LYS A 181 -4.69 -8.73 -29.92
C LYS A 181 -3.37 -8.97 -29.23
N VAL A 182 -3.29 -8.62 -27.94
CA VAL A 182 -2.08 -8.84 -27.17
C VAL A 182 -2.04 -10.29 -26.70
N GLU A 183 -0.93 -10.97 -27.00
CA GLU A 183 -0.73 -12.34 -26.53
C GLU A 183 -0.09 -12.41 -25.16
N GLN A 184 0.81 -11.47 -24.86
CA GLN A 184 1.48 -11.45 -23.56
C GLN A 184 2.09 -10.07 -23.35
N LEU A 185 2.11 -9.65 -22.09
CA LEU A 185 2.73 -8.39 -21.69
C LEU A 185 4.05 -8.70 -21.00
N VAL A 186 5.15 -8.17 -21.54
CA VAL A 186 6.49 -8.45 -21.05
C VAL A 186 7.03 -7.19 -20.37
N PHE A 187 7.74 -7.39 -19.26
CA PHE A 187 8.39 -6.28 -18.60
C PHE A 187 9.57 -5.80 -19.44
N SER A 188 9.70 -4.47 -19.55
CA SER A 188 10.68 -3.89 -20.46
C SER A 188 12.09 -4.26 -20.06
N GLY A 189 12.39 -4.25 -18.77
CA GLY A 189 13.73 -4.59 -18.33
C GLY A 189 14.07 -6.07 -18.47
N LEU A 190 13.06 -6.93 -18.40
CA LEU A 190 13.29 -8.36 -18.57
C LEU A 190 13.51 -8.73 -20.03
N ALA A 191 12.86 -8.03 -20.96
CA ALA A 191 13.07 -8.30 -22.37
C ALA A 191 14.43 -7.79 -22.84
N SER A 192 14.77 -6.56 -22.43
CA SER A 192 16.08 -6.01 -22.79
C SER A 192 17.21 -6.88 -22.21
N SER A 193 16.99 -7.42 -21.01
CA SER A 193 17.98 -8.33 -20.43
C SER A 193 18.10 -9.61 -21.24
N ASN A 194 16.97 -10.17 -21.68
CA ASN A 194 16.94 -11.42 -22.44
C ASN A 194 17.36 -11.22 -23.89
N ALA A 195 18.03 -10.12 -24.22
CA ALA A 195 18.47 -9.89 -25.59
C ALA A 195 19.71 -9.02 -25.66
N VAL A 196 20.51 -9.01 -24.58
CA VAL A 196 21.71 -8.18 -24.50
C VAL A 196 22.83 -9.01 -23.88
N ILE A 197 22.48 -9.80 -22.86
CA ILE A 197 23.43 -10.66 -22.20
C ILE A 197 23.17 -12.10 -22.64
N THR A 198 24.21 -12.92 -22.53
CA THR A 198 24.14 -14.33 -22.85
C THR A 198 24.05 -15.17 -21.58
N GLU A 199 23.70 -16.44 -21.75
CA GLU A 199 23.65 -17.36 -20.61
C GLU A 199 24.97 -17.39 -19.85
N ASP A 200 26.09 -17.21 -20.57
CA ASP A 200 27.38 -17.11 -19.91
C ASP A 200 27.42 -15.93 -18.95
N GLU A 201 26.89 -14.78 -19.36
CA GLU A 201 26.84 -13.62 -18.47
C GLU A 201 25.88 -13.83 -17.30
N ARG A 202 24.99 -14.81 -17.37
CA ARG A 202 24.01 -14.99 -16.31
C ARG A 202 24.55 -15.80 -15.14
N GLU A 203 25.52 -16.69 -15.37
CA GLU A 203 25.99 -17.55 -14.30
C GLU A 203 26.78 -16.76 -13.26
N LEU A 204 27.72 -15.92 -13.71
CA LEU A 204 28.53 -15.16 -12.76
C LEU A 204 27.70 -14.08 -12.07
N GLY A 205 27.08 -13.21 -12.84
CA GLY A 205 26.24 -12.15 -12.31
C GLY A 205 26.29 -10.94 -13.22
N VAL A 206 25.16 -10.25 -13.31
CA VAL A 206 25.01 -9.09 -14.18
C VAL A 206 23.98 -8.16 -13.58
N CYS A 207 24.00 -6.91 -14.03
CA CYS A 207 22.99 -5.91 -13.67
C CYS A 207 22.74 -5.07 -14.91
N VAL A 208 21.65 -5.35 -15.61
CA VAL A 208 21.31 -4.65 -16.83
C VAL A 208 20.40 -3.47 -16.52
N VAL A 209 20.71 -2.32 -17.09
CA VAL A 209 19.90 -1.12 -16.95
C VAL A 209 19.47 -0.67 -18.34
N ASP A 210 18.21 -0.26 -18.46
CA ASP A 210 17.62 0.16 -19.73
C ASP A 210 17.22 1.62 -19.58
N ILE A 211 18.21 2.50 -19.69
CA ILE A 211 17.96 3.94 -19.59
C ILE A 211 17.33 4.41 -20.90
N GLY A 212 16.10 4.88 -20.83
CA GLY A 212 15.43 5.36 -22.01
C GLY A 212 15.10 6.83 -21.92
N ALA A 213 13.91 7.21 -22.39
CA ALA A 213 13.46 8.60 -22.29
C ALA A 213 12.72 8.84 -20.97
N GLY A 214 11.72 8.01 -20.69
CA GLY A 214 10.89 8.20 -19.51
C GLY A 214 11.40 7.45 -18.29
N THR A 215 11.86 6.22 -18.48
CA THR A 215 12.20 5.36 -17.36
C THR A 215 13.50 4.59 -17.62
N MET A 216 14.13 4.17 -16.53
CA MET A 216 15.25 3.24 -16.56
C MET A 216 14.85 1.96 -15.86
N ASP A 217 15.14 0.82 -16.49
CA ASP A 217 14.68 -0.48 -16.02
C ASP A 217 15.87 -1.31 -15.55
N ILE A 218 15.80 -1.81 -14.32
CA ILE A 218 16.90 -2.52 -13.68
C ILE A 218 16.53 -3.99 -13.52
N SER A 219 17.46 -4.87 -13.88
CA SER A 219 17.30 -6.32 -13.71
C SER A 219 18.62 -6.89 -13.22
N ILE A 220 18.55 -7.78 -12.23
CA ILE A 220 19.73 -8.36 -11.61
C ILE A 220 19.64 -9.87 -11.71
N TRP A 221 20.65 -10.49 -12.33
CA TRP A 221 20.75 -11.93 -12.48
C TRP A 221 22.03 -12.40 -11.81
N THR A 222 21.90 -13.21 -10.77
CA THR A 222 23.05 -13.76 -10.04
C THR A 222 22.91 -15.29 -10.03
N GLY A 223 23.41 -15.93 -11.08
CA GLY A 223 23.38 -17.38 -11.19
C GLY A 223 22.52 -17.92 -12.31
N GLY A 224 21.89 -17.08 -13.11
CA GLY A 224 20.99 -17.53 -14.16
C GLY A 224 19.53 -17.39 -13.84
N ALA A 225 19.17 -16.63 -12.81
CA ALA A 225 17.77 -16.42 -12.42
C ALA A 225 17.58 -14.97 -12.00
N LEU A 226 16.42 -14.42 -12.34
CA LEU A 226 16.11 -13.04 -12.00
C LEU A 226 15.99 -12.90 -10.49
N ARG A 227 16.82 -12.04 -9.90
CA ARG A 227 16.83 -11.85 -8.45
C ARG A 227 16.05 -10.63 -7.99
N HIS A 228 16.03 -9.56 -8.77
CA HIS A 228 15.28 -8.38 -8.38
C HIS A 228 14.92 -7.58 -9.63
N THR A 229 13.86 -6.78 -9.49
CA THR A 229 13.38 -5.92 -10.56
C THR A 229 12.92 -4.60 -9.96
N GLU A 230 13.52 -3.50 -10.41
CA GLU A 230 13.18 -2.18 -9.90
C GLU A 230 13.23 -1.19 -11.06
N VAL A 231 12.35 -0.20 -11.01
CA VAL A 231 12.20 0.77 -12.10
C VAL A 231 12.09 2.17 -11.52
N PHE A 232 12.85 3.11 -12.07
CA PHE A 232 12.76 4.52 -11.73
C PHE A 232 12.23 5.31 -12.92
N SER A 233 11.52 6.40 -12.62
CA SER A 233 10.90 7.24 -13.64
C SER A 233 11.78 8.41 -14.06
N TYR A 234 13.09 8.32 -13.82
CA TYR A 234 14.04 9.35 -14.23
C TYR A 234 14.95 8.77 -15.30
N ALA A 235 15.00 9.42 -16.46
CA ALA A 235 15.78 8.88 -17.57
C ALA A 235 16.25 9.98 -18.53
N GLY A 236 16.35 9.64 -19.81
CA GLY A 236 16.94 10.55 -20.79
C GLY A 236 16.16 11.83 -21.01
N ASN A 237 14.90 11.88 -20.60
CA ASN A 237 14.12 13.11 -20.73
C ASN A 237 14.31 14.04 -19.55
N ALA A 238 14.72 13.52 -18.39
CA ALA A 238 15.00 14.37 -17.25
C ALA A 238 16.33 15.11 -17.40
N VAL A 239 17.24 14.59 -18.22
CA VAL A 239 18.48 15.30 -18.49
C VAL A 239 18.32 16.25 -19.68
N THR A 240 17.46 15.92 -20.64
CA THR A 240 17.19 16.84 -21.73
C THR A 240 16.55 18.13 -21.21
N SER A 241 15.65 18.01 -20.22
CA SER A 241 15.11 19.21 -19.59
C SER A 241 16.19 19.99 -18.87
N ASP A 242 17.17 19.29 -18.28
CA ASP A 242 18.28 19.95 -17.61
C ASP A 242 19.06 20.84 -18.59
N ILE A 243 19.20 20.38 -19.84
CA ILE A 243 19.85 21.19 -20.86
C ILE A 243 18.96 22.36 -21.26
N ALA A 244 17.67 22.08 -21.51
CA ALA A 244 16.75 23.12 -21.94
C ALA A 244 16.58 24.21 -20.89
N PHE A 245 16.73 23.85 -19.61
CA PHE A 245 16.56 24.84 -18.54
C PHE A 245 17.84 25.64 -18.32
N ALA A 246 18.98 24.96 -18.21
CA ALA A 246 20.24 25.63 -17.91
C ALA A 246 20.70 26.57 -19.02
N PHE A 247 20.18 26.41 -20.23
CA PHE A 247 20.61 27.24 -21.36
C PHE A 247 19.46 28.01 -22.00
N GLY A 248 18.24 27.87 -21.51
CA GLY A 248 17.10 28.60 -22.04
C GLY A 248 16.82 28.35 -23.51
N THR A 249 16.54 27.11 -23.86
CA THR A 249 16.23 26.71 -25.22
C THR A 249 15.11 25.69 -25.17
N PRO A 250 14.35 25.53 -26.25
CA PRO A 250 13.30 24.51 -26.26
C PRO A 250 13.86 23.12 -26.09
N LEU A 251 13.01 22.21 -25.58
CA LEU A 251 13.41 20.81 -25.47
C LEU A 251 13.65 20.19 -26.83
N SER A 252 12.88 20.60 -27.85
CA SER A 252 13.11 20.08 -29.19
C SER A 252 14.48 20.44 -29.71
N ASP A 253 15.01 21.60 -29.28
CA ASP A 253 16.36 22.01 -29.65
C ASP A 253 17.40 21.48 -28.68
N ALA A 254 17.07 21.39 -27.39
CA ALA A 254 18.00 20.85 -26.40
C ALA A 254 18.20 19.35 -26.57
N GLU A 255 17.30 18.67 -27.28
CA GLU A 255 17.46 17.25 -27.54
C GLU A 255 18.40 17.02 -28.71
N GLU A 256 18.43 17.94 -29.67
CA GLU A 256 19.32 17.79 -30.82
C GLU A 256 20.77 18.04 -30.45
N ILE A 257 21.02 18.93 -29.47
CA ILE A 257 22.39 19.18 -29.02
C ILE A 257 22.82 18.21 -27.94
N LYS A 258 21.98 17.24 -27.60
CA LYS A 258 22.31 16.14 -26.71
C LYS A 258 22.58 14.85 -27.45
N VAL A 259 21.77 14.55 -28.48
CA VAL A 259 22.03 13.38 -29.32
C VAL A 259 23.31 13.57 -30.11
N LYS A 260 23.55 14.78 -30.60
CA LYS A 260 24.70 15.06 -31.46
C LYS A 260 25.93 15.44 -30.66
N TYR A 261 25.80 16.35 -29.70
CA TYR A 261 26.93 16.93 -28.99
C TYR A 261 26.86 16.63 -27.49
N GLY A 262 26.39 15.45 -27.12
CA GLY A 262 26.23 15.08 -25.72
C GLY A 262 27.42 14.29 -25.21
N CYS A 263 27.75 14.52 -23.94
CA CYS A 263 28.83 13.80 -23.29
C CYS A 263 28.47 13.59 -21.81
N ALA A 264 28.81 12.41 -21.30
CA ALA A 264 28.45 12.04 -19.93
C ALA A 264 29.52 12.41 -18.91
N LEU A 265 30.75 12.66 -19.35
CA LEU A 265 31.85 13.01 -18.46
C LEU A 265 32.53 14.26 -19.01
N SER A 266 32.54 15.34 -18.21
CA SER A 266 33.04 16.61 -18.68
C SER A 266 34.52 16.59 -19.01
N GLU A 267 35.29 15.68 -18.39
CA GLU A 267 36.73 15.58 -18.63
C GLU A 267 37.05 14.71 -19.84
N LEU A 268 36.08 14.47 -20.72
CA LEU A 268 36.29 13.66 -21.92
C LEU A 268 36.04 14.46 -23.20
N VAL A 269 36.00 15.79 -23.09
CA VAL A 269 35.79 16.65 -24.24
C VAL A 269 36.75 17.83 -24.14
N SER A 270 37.37 18.17 -25.27
CA SER A 270 38.36 19.24 -25.26
C SER A 270 37.68 20.61 -25.15
N LYS A 271 38.45 21.58 -24.66
CA LYS A 271 37.95 22.94 -24.52
C LYS A 271 37.75 23.64 -25.85
N ASP A 272 38.29 23.10 -26.95
CA ASP A 272 38.12 23.70 -28.27
C ASP A 272 36.79 23.33 -28.93
N ASP A 273 36.08 22.35 -28.39
CA ASP A 273 34.80 21.93 -28.97
C ASP A 273 33.72 22.91 -28.54
N THR A 274 33.07 23.53 -29.53
CA THR A 274 31.97 24.46 -29.28
C THR A 274 30.73 23.98 -30.00
N VAL A 275 29.58 24.21 -29.38
CA VAL A 275 28.30 23.82 -29.94
C VAL A 275 27.43 25.05 -30.11
N ASN A 276 26.53 25.00 -31.09
CA ASN A 276 25.68 26.12 -31.44
C ASN A 276 24.28 25.82 -30.92
N VAL A 277 23.90 26.48 -29.83
CA VAL A 277 22.56 26.36 -29.25
C VAL A 277 21.70 27.50 -29.78
N PRO A 278 20.49 27.24 -30.25
CA PRO A 278 19.67 28.30 -30.83
C PRO A 278 18.93 29.08 -29.74
N SER A 279 18.17 30.08 -30.18
CA SER A 279 17.37 30.91 -29.30
C SER A 279 15.95 30.96 -29.84
N VAL A 280 15.02 31.24 -28.94
CA VAL A 280 13.60 31.20 -29.28
C VAL A 280 13.14 32.60 -29.66
N GLY A 281 12.18 32.67 -30.58
CA GLY A 281 11.59 33.91 -31.03
C GLY A 281 12.19 34.43 -32.32
N GLY A 282 13.45 34.13 -32.59
CA GLY A 282 14.12 34.62 -33.77
C GLY A 282 15.38 35.39 -33.48
N ARG A 283 16.03 35.08 -32.37
CA ARG A 283 17.25 35.77 -31.96
C ARG A 283 18.47 34.93 -32.34
N PRO A 284 19.65 35.55 -32.47
CA PRO A 284 20.81 34.80 -32.94
C PRO A 284 21.21 33.69 -31.97
N SER A 285 21.82 32.65 -32.55
CA SER A 285 22.24 31.48 -31.78
C SER A 285 23.67 31.68 -31.31
N ARG A 286 23.86 31.75 -29.99
CA ARG A 286 25.18 31.94 -29.43
C ARG A 286 25.89 30.60 -29.29
N SER A 287 27.20 30.60 -29.54
CA SER A 287 27.99 29.38 -29.43
C SER A 287 28.26 29.06 -27.97
N LEU A 288 28.26 27.77 -27.65
CA LEU A 288 28.46 27.29 -26.30
C LEU A 288 29.52 26.20 -26.29
N GLN A 289 30.32 26.18 -25.23
CA GLN A 289 31.37 25.18 -25.10
C GLN A 289 30.78 23.80 -24.84
N ARG A 290 31.20 22.82 -25.65
CA ARG A 290 30.73 21.45 -25.46
C ARG A 290 31.10 20.92 -24.08
N GLN A 291 32.24 21.36 -23.54
CA GLN A 291 32.62 20.98 -22.20
C GLN A 291 31.64 21.53 -21.17
N THR A 292 31.16 22.75 -21.39
CA THR A 292 30.16 23.32 -20.48
C THR A 292 28.84 22.56 -20.56
N LEU A 293 28.45 22.13 -21.76
CA LEU A 293 27.25 21.32 -21.92
C LEU A 293 27.43 19.97 -21.24
N ALA A 294 28.62 19.38 -21.34
CA ALA A 294 28.89 18.12 -20.65
C ALA A 294 28.88 18.28 -19.13
N GLU A 295 29.15 19.49 -18.64
CA GLU A 295 29.08 19.76 -17.21
C GLU A 295 27.64 19.83 -16.70
N VAL A 296 26.66 19.85 -17.60
CA VAL A 296 25.26 19.77 -17.22
C VAL A 296 24.75 18.34 -17.25
N ILE A 297 25.25 17.55 -18.20
CA ILE A 297 24.80 16.18 -18.35
C ILE A 297 25.45 15.26 -17.32
N GLU A 298 26.66 15.62 -16.85
CA GLU A 298 27.38 14.71 -15.95
C GLU A 298 26.72 14.58 -14.59
N PRO A 299 26.37 15.65 -13.86
CA PRO A 299 25.81 15.46 -12.52
C PRO A 299 24.48 14.72 -12.52
N ARG A 300 23.71 14.79 -13.62
CA ARG A 300 22.44 14.08 -13.67
C ARG A 300 22.64 12.59 -13.95
N TYR A 301 23.62 12.26 -14.80
CA TYR A 301 23.86 10.85 -15.12
C TYR A 301 24.45 10.09 -13.94
N THR A 302 25.17 10.78 -13.05
CA THR A 302 25.71 10.12 -11.87
C THR A 302 24.63 9.87 -10.81
N GLU A 303 23.62 10.74 -10.75
CA GLU A 303 22.50 10.48 -9.85
C GLU A 303 21.65 9.32 -10.35
N LEU A 304 21.49 9.20 -11.67
CA LEU A 304 20.77 8.07 -12.23
C LEU A 304 21.46 6.76 -11.94
N MET A 305 22.79 6.77 -11.81
CA MET A 305 23.53 5.58 -11.46
C MET A 305 23.67 5.40 -9.95
N GLY A 306 23.53 6.46 -9.17
CA GLY A 306 23.49 6.31 -7.72
C GLY A 306 22.24 5.56 -7.28
N LEU A 307 21.13 5.77 -7.97
CA LEU A 307 19.93 5.00 -7.70
C LEU A 307 20.13 3.53 -8.07
N VAL A 308 20.88 3.29 -9.15
CA VAL A 308 21.17 1.92 -9.56
C VAL A 308 22.17 1.27 -8.61
N ASN A 309 23.17 2.03 -8.18
CA ASN A 309 24.21 1.47 -7.30
C ASN A 309 23.66 1.17 -5.92
N GLN A 310 22.77 2.01 -5.41
CA GLN A 310 22.16 1.75 -4.11
C GLN A 310 21.12 0.65 -4.17
N THR A 311 20.53 0.40 -5.34
CA THR A 311 19.64 -0.75 -5.49
C THR A 311 20.41 -2.05 -5.42
N ILE A 312 21.58 -2.10 -6.07
CA ILE A 312 22.43 -3.29 -5.99
C ILE A 312 22.85 -3.55 -4.55
N ASP A 313 23.24 -2.49 -3.84
CA ASP A 313 23.70 -2.65 -2.46
C ASP A 313 22.61 -3.21 -1.57
N ASN A 314 21.37 -2.77 -1.76
CA ASN A 314 20.26 -3.27 -0.95
C ASN A 314 19.90 -4.70 -1.34
N VAL A 315 20.14 -5.09 -2.59
CA VAL A 315 19.82 -6.45 -3.03
C VAL A 315 20.93 -7.42 -2.63
N GLN A 316 22.19 -7.02 -2.79
CA GLN A 316 23.29 -7.87 -2.37
C GLN A 316 23.28 -8.08 -0.86
N ALA A 317 22.73 -7.12 -0.10
CA ALA A 317 22.57 -7.31 1.33
C ALA A 317 21.44 -8.26 1.67
N LYS A 318 20.56 -8.56 0.73
CA LYS A 318 19.51 -9.56 0.91
C LYS A 318 19.85 -10.89 0.25
N LEU A 319 20.92 -10.95 -0.54
CA LEU A 319 21.38 -12.19 -1.15
C LEU A 319 22.60 -12.77 -0.44
N ARG A 320 23.53 -11.93 -0.01
CA ARG A 320 24.68 -12.41 0.75
C ARG A 320 24.27 -12.81 2.16
N GLU A 321 23.25 -12.16 2.71
CA GLU A 321 22.70 -12.51 4.02
C GLU A 321 21.52 -13.46 3.91
N ASN A 322 21.56 -14.41 2.97
CA ASN A 322 20.46 -15.35 2.77
C ASN A 322 20.93 -16.63 2.11
N GLY A 323 22.25 -16.79 1.98
CA GLY A 323 22.80 -18.03 1.45
C GLY A 323 22.57 -18.26 -0.04
N VAL A 324 22.51 -17.20 -0.84
CA VAL A 324 22.34 -17.31 -2.28
C VAL A 324 23.40 -16.45 -2.95
N LYS A 325 23.83 -16.88 -4.15
CA LYS A 325 24.85 -16.15 -4.89
C LYS A 325 24.48 -14.68 -5.03
N HIS A 326 25.46 -13.81 -4.81
CA HIS A 326 25.19 -12.38 -4.66
C HIS A 326 26.12 -11.46 -5.43
N HIS A 327 27.22 -11.95 -5.99
CA HIS A 327 28.20 -11.08 -6.62
C HIS A 327 28.03 -11.07 -8.13
N LEU A 328 28.22 -9.91 -8.73
CA LEU A 328 28.14 -9.72 -10.18
C LEU A 328 29.55 -9.67 -10.75
N ALA A 329 30.03 -10.83 -11.20
CA ALA A 329 31.39 -10.91 -11.73
C ALA A 329 31.50 -10.41 -13.16
N ALA A 330 30.39 -10.12 -13.83
CA ALA A 330 30.39 -9.53 -15.16
C ALA A 330 30.02 -8.06 -15.15
N GLY A 331 29.82 -7.47 -13.97
CA GLY A 331 29.63 -6.03 -13.89
C GLY A 331 28.21 -5.61 -14.23
N VAL A 332 28.11 -4.39 -14.76
CA VAL A 332 26.84 -3.75 -15.07
C VAL A 332 26.79 -3.52 -16.58
N VAL A 333 25.65 -3.85 -17.19
CA VAL A 333 25.45 -3.67 -18.62
C VAL A 333 24.44 -2.55 -18.84
N LEU A 334 24.79 -1.60 -19.70
CA LEU A 334 23.95 -0.44 -19.99
C LEU A 334 23.35 -0.59 -21.39
N THR A 335 22.02 -0.56 -21.47
CA THR A 335 21.32 -0.59 -22.74
C THR A 335 20.28 0.52 -22.75
N GLY A 336 19.58 0.65 -23.87
CA GLY A 336 18.63 1.72 -24.06
C GLY A 336 19.25 2.90 -24.81
N GLY A 337 18.38 3.80 -25.24
CA GLY A 337 18.83 4.92 -26.04
C GLY A 337 19.74 5.87 -25.29
N ALA A 338 19.46 6.09 -24.00
CA ALA A 338 20.27 7.01 -23.22
C ALA A 338 21.64 6.46 -22.86
N ALA A 339 21.89 5.18 -23.15
CA ALA A 339 23.20 4.58 -22.93
C ALA A 339 24.14 4.81 -24.12
N GLN A 340 23.73 5.63 -25.07
CA GLN A 340 24.52 5.91 -26.27
C GLN A 340 25.26 7.23 -26.20
N ILE A 341 25.15 7.97 -25.09
CA ILE A 341 25.83 9.24 -24.96
C ILE A 341 27.31 9.00 -24.66
N GLU A 342 28.15 9.91 -25.14
CA GLU A 342 29.59 9.75 -25.02
C GLU A 342 30.01 9.73 -23.57
N GLY A 343 30.66 8.64 -23.15
CA GLY A 343 31.24 8.54 -21.83
C GLY A 343 30.44 7.78 -20.81
N VAL A 344 29.43 7.00 -21.21
CA VAL A 344 28.65 6.22 -20.26
C VAL A 344 29.54 5.18 -19.59
N VAL A 345 30.43 4.55 -20.35
CA VAL A 345 31.29 3.50 -19.79
C VAL A 345 32.18 4.09 -18.71
N GLU A 346 32.78 5.25 -18.98
CA GLU A 346 33.67 5.87 -18.00
C GLU A 346 32.91 6.56 -16.88
N CYS A 347 31.68 7.03 -17.15
CA CYS A 347 30.90 7.66 -16.10
C CYS A 347 30.29 6.65 -15.15
N ALA A 348 29.97 5.45 -15.65
CA ALA A 348 29.37 4.42 -14.78
C ALA A 348 30.44 3.68 -13.99
N GLU A 349 31.60 3.44 -14.58
CA GLU A 349 32.68 2.78 -13.85
C GLU A 349 33.17 3.62 -12.67
N ARG A 350 32.91 4.92 -12.68
CA ARG A 350 33.33 5.77 -11.56
C ARG A 350 32.38 5.69 -10.38
N VAL A 351 31.15 5.23 -10.57
CA VAL A 351 30.20 5.04 -9.49
C VAL A 351 30.03 3.56 -9.13
N PHE A 352 29.93 2.70 -10.13
CA PHE A 352 29.91 1.25 -9.88
C PHE A 352 31.34 0.76 -9.73
N ARG A 353 31.64 0.11 -8.60
CA ARG A 353 32.98 -0.42 -8.38
C ARG A 353 33.33 -1.50 -9.38
N ASN A 354 32.34 -2.17 -9.97
CA ASN A 354 32.57 -3.24 -10.92
C ASN A 354 32.74 -2.69 -12.33
N GLN A 355 33.01 -3.57 -13.28
CA GLN A 355 33.15 -3.18 -14.67
C GLN A 355 31.78 -2.81 -15.25
N VAL A 356 31.82 -2.04 -16.35
CA VAL A 356 30.60 -1.59 -17.03
C VAL A 356 30.83 -1.69 -18.52
N ARG A 357 29.88 -2.28 -19.23
CA ARG A 357 29.86 -2.30 -20.69
C ARG A 357 28.51 -1.77 -21.18
N VAL A 358 28.42 -1.54 -22.48
CA VAL A 358 27.20 -1.07 -23.12
C VAL A 358 26.68 -2.17 -24.05
N GLY A 359 25.49 -2.68 -23.74
CA GLY A 359 24.94 -3.79 -24.48
C GLY A 359 24.27 -3.37 -25.78
N LYS A 360 24.11 -4.34 -26.68
CA LYS A 360 23.50 -4.15 -27.98
C LYS A 360 22.79 -5.45 -28.36
N PRO A 361 21.71 -5.37 -29.14
CA PRO A 361 21.04 -6.60 -29.58
C PRO A 361 21.99 -7.48 -30.38
N LEU A 362 22.12 -8.73 -29.96
CA LEU A 362 23.08 -9.64 -30.52
C LEU A 362 22.39 -10.81 -31.21
N GLU A 363 23.15 -11.48 -32.09
CA GLU A 363 22.69 -12.68 -32.80
C GLU A 363 21.36 -12.44 -33.49
N VAL A 364 21.26 -11.31 -34.19
CA VAL A 364 20.08 -10.99 -34.98
C VAL A 364 20.31 -11.49 -36.40
N SER A 365 19.38 -12.30 -36.89
CA SER A 365 19.49 -12.94 -38.21
C SER A 365 18.73 -12.08 -39.22
N GLY A 366 19.46 -11.44 -40.12
CA GLY A 366 18.86 -10.58 -41.11
C GLY A 366 18.43 -9.23 -40.53
N LEU A 367 18.26 -8.27 -41.44
CA LEU A 367 17.83 -6.92 -41.10
C LEU A 367 18.73 -6.28 -40.05
N THR A 368 20.01 -6.61 -40.08
CA THR A 368 21.01 -6.11 -39.14
C THR A 368 21.45 -4.67 -39.46
N ASP A 369 20.71 -3.96 -40.30
CA ASP A 369 20.99 -2.55 -40.55
C ASP A 369 20.11 -1.62 -39.73
N TYR A 370 19.08 -2.14 -39.07
CA TYR A 370 18.28 -1.36 -38.14
C TYR A 370 18.19 -2.00 -36.76
N VAL A 371 18.80 -3.16 -36.56
CA VAL A 371 18.83 -3.80 -35.25
C VAL A 371 20.27 -3.81 -34.76
N LYS A 372 20.82 -2.62 -34.54
CA LYS A 372 22.21 -2.46 -34.11
C LYS A 372 22.28 -1.71 -32.78
N GLU A 373 21.89 -0.44 -32.76
CA GLU A 373 22.04 0.38 -31.57
C GLU A 373 21.17 -0.16 -30.44
N PRO A 374 21.54 0.11 -29.17
CA PRO A 374 20.86 -0.53 -28.04
C PRO A 374 19.45 -0.03 -27.78
N TYR A 375 18.90 0.88 -28.58
CA TYR A 375 17.50 1.25 -28.39
C TYR A 375 16.54 0.25 -29.01
N HIS A 376 17.07 -0.85 -29.56
CA HIS A 376 16.27 -1.94 -30.08
C HIS A 376 16.29 -3.18 -29.18
N SER A 377 17.00 -3.12 -28.05
CA SER A 377 17.16 -4.30 -27.22
C SER A 377 15.83 -4.76 -26.63
N THR A 378 14.93 -3.81 -26.32
CA THR A 378 13.64 -4.20 -25.77
C THR A 378 12.77 -4.86 -26.84
N ALA A 379 12.74 -4.29 -28.04
CA ALA A 379 11.90 -4.84 -29.10
C ALA A 379 12.38 -6.23 -29.51
N VAL A 380 13.70 -6.45 -29.52
CA VAL A 380 14.22 -7.77 -29.85
C VAL A 380 14.16 -8.71 -28.65
N GLY A 381 13.98 -8.18 -27.44
CA GLY A 381 13.75 -9.03 -26.29
C GLY A 381 12.34 -9.59 -26.23
N LEU A 382 11.39 -8.91 -26.85
CA LEU A 382 10.04 -9.46 -26.98
C LEU A 382 10.02 -10.60 -27.98
N LEU A 383 10.85 -10.53 -29.02
CA LEU A 383 10.97 -11.65 -29.95
C LEU A 383 11.57 -12.87 -29.27
N HIS A 384 12.59 -12.67 -28.43
CA HIS A 384 13.14 -13.79 -27.66
C HIS A 384 12.12 -14.33 -26.68
N TYR A 385 11.20 -13.49 -26.22
CA TYR A 385 10.16 -13.95 -25.31
C TYR A 385 9.05 -14.67 -26.06
N ALA A 386 8.81 -14.29 -27.31
CA ALA A 386 7.78 -14.93 -28.11
C ALA A 386 8.27 -16.18 -28.83
N ARG A 387 9.59 -16.32 -29.00
CA ARG A 387 10.16 -17.57 -29.48
C ARG A 387 9.82 -18.72 -28.52
N ASP A 388 9.89 -18.44 -27.21
CA ASP A 388 9.53 -19.42 -26.20
C ASP A 388 8.03 -19.66 -26.17
N SER A 389 7.57 -20.67 -26.90
CA SER A 389 6.14 -20.97 -26.98
C SER A 389 5.92 -22.48 -27.12
N ASN B 8 -37.76 2.30 17.15
CA ASN B 8 -38.37 1.25 17.96
C ASN B 8 -37.36 0.63 18.93
N ILE B 9 -37.04 -0.63 18.71
CA ILE B 9 -36.09 -1.38 19.54
C ILE B 9 -34.72 -1.31 18.90
N ILE B 10 -33.71 -1.03 19.71
CA ILE B 10 -32.34 -0.85 19.25
C ILE B 10 -31.44 -1.85 19.94
N VAL B 11 -30.49 -2.42 19.19
CA VAL B 11 -29.57 -3.43 19.69
C VAL B 11 -28.17 -3.05 19.26
N GLY B 12 -27.21 -3.15 20.19
CA GLY B 12 -25.83 -2.92 19.87
C GLY B 12 -24.97 -4.05 20.41
N LEU B 13 -23.91 -4.36 19.65
CA LEU B 13 -23.05 -5.50 19.97
C LEU B 13 -21.60 -5.06 19.87
N ASP B 14 -20.90 -5.09 21.00
CA ASP B 14 -19.49 -4.70 21.07
C ASP B 14 -18.67 -5.97 21.32
N ILE B 15 -18.20 -6.58 20.23
CA ILE B 15 -17.36 -7.77 20.31
C ILE B 15 -15.93 -7.29 20.58
N GLY B 16 -15.48 -7.42 21.82
CA GLY B 16 -14.19 -6.94 22.22
C GLY B 16 -13.16 -8.05 22.34
N THR B 17 -11.90 -7.65 22.50
CA THR B 17 -10.81 -8.59 22.67
C THR B 17 -10.86 -9.31 24.01
N ALA B 18 -11.64 -8.80 24.97
CA ALA B 18 -11.77 -9.42 26.28
C ALA B 18 -13.22 -9.75 26.61
N THR B 19 -14.12 -8.77 26.57
CA THR B 19 -15.52 -8.98 26.92
C THR B 19 -16.42 -8.56 25.76
N VAL B 20 -17.52 -9.29 25.60
CA VAL B 20 -18.56 -8.96 24.62
C VAL B 20 -19.73 -8.35 25.37
N SER B 21 -20.22 -7.21 24.89
CA SER B 21 -21.30 -6.47 25.52
C SER B 21 -22.45 -6.29 24.54
N ALA B 22 -23.66 -6.64 24.98
CA ALA B 22 -24.87 -6.47 24.19
C ALA B 22 -25.84 -5.59 24.96
N LEU B 23 -26.47 -4.65 24.26
CA LEU B 23 -27.36 -3.69 24.88
C LEU B 23 -28.64 -3.56 24.05
N VAL B 24 -29.78 -3.64 24.72
CA VAL B 24 -31.09 -3.45 24.10
C VAL B 24 -31.67 -2.13 24.57
N GLY B 25 -32.32 -1.41 23.66
CA GLY B 25 -32.87 -0.11 24.01
C GLY B 25 -34.13 0.20 23.23
N GLU B 26 -34.84 1.23 23.70
CA GLU B 26 -36.06 1.71 23.07
C GLU B 26 -35.92 3.18 22.74
N VAL B 27 -36.66 3.63 21.73
CA VAL B 27 -36.65 5.02 21.29
C VAL B 27 -37.73 5.77 22.05
N LEU B 28 -37.42 7.01 22.43
CA LEU B 28 -38.28 7.88 23.21
C LEU B 28 -38.54 9.16 22.46
N PRO B 29 -39.62 9.89 22.78
CA PRO B 29 -40.01 11.04 21.94
C PRO B 29 -38.93 12.11 21.80
N ASP B 30 -38.33 12.55 22.90
CA ASP B 30 -37.33 13.60 22.83
C ASP B 30 -36.01 13.14 22.22
N GLY B 31 -35.83 11.83 22.03
CA GLY B 31 -34.59 11.33 21.48
C GLY B 31 -33.70 10.70 22.53
N GLN B 32 -34.29 9.94 23.44
CA GLN B 32 -33.57 9.30 24.52
C GLN B 32 -33.57 7.79 24.34
N VAL B 33 -32.60 7.13 24.97
CA VAL B 33 -32.44 5.69 24.87
C VAL B 33 -32.66 5.09 26.26
N ASN B 34 -33.79 4.40 26.43
CA ASN B 34 -34.09 3.70 27.68
C ASN B 34 -33.62 2.26 27.50
N ILE B 35 -32.48 1.93 28.11
CA ILE B 35 -31.90 0.61 27.97
C ILE B 35 -32.79 -0.40 28.69
N ILE B 36 -33.16 -1.47 27.98
CA ILE B 36 -34.07 -2.48 28.52
C ILE B 36 -33.31 -3.74 28.88
N GLY B 37 -32.28 -4.08 28.10
CA GLY B 37 -31.56 -5.32 28.33
C GLY B 37 -30.06 -5.23 28.14
N ALA B 38 -29.31 -5.95 28.97
CA ALA B 38 -27.85 -5.94 28.92
C ALA B 38 -27.30 -7.35 29.05
N GLY B 39 -26.25 -7.64 28.31
CA GLY B 39 -25.59 -8.92 28.38
C GLY B 39 -24.09 -8.76 28.34
N SER B 40 -23.40 -9.71 28.95
CA SER B 40 -21.94 -9.70 29.00
C SER B 40 -21.42 -11.12 29.13
N SER B 41 -20.29 -11.39 28.49
CA SER B 41 -19.66 -12.70 28.51
C SER B 41 -18.23 -12.56 28.02
N PRO B 42 -17.30 -13.35 28.54
CA PRO B 42 -15.91 -13.25 28.07
C PRO B 42 -15.79 -13.71 26.62
N SER B 43 -14.89 -13.06 25.90
CA SER B 43 -14.67 -13.32 24.48
C SER B 43 -13.49 -14.27 24.31
N ARG B 44 -13.70 -15.34 23.55
CA ARG B 44 -12.67 -16.31 23.26
C ARG B 44 -12.33 -16.27 21.78
N GLY B 45 -11.05 -16.46 21.46
CA GLY B 45 -10.60 -16.39 20.09
C GLY B 45 -10.72 -14.97 19.52
N MET B 46 -10.02 -14.03 20.13
CA MET B 46 -10.05 -12.64 19.68
C MET B 46 -8.76 -11.96 20.08
N ASP B 47 -8.13 -11.28 19.13
CA ASP B 47 -6.83 -10.65 19.38
C ASP B 47 -6.71 -9.41 18.51
N LYS B 48 -6.26 -8.31 19.12
CA LYS B 48 -5.99 -7.05 18.43
C LYS B 48 -7.24 -6.51 17.71
N GLY B 49 -8.42 -6.79 18.25
CA GLY B 49 -9.65 -6.32 17.66
C GLY B 49 -10.29 -7.26 16.65
N GLY B 50 -9.49 -8.14 16.03
CA GLY B 50 -10.00 -9.08 15.06
C GLY B 50 -10.12 -10.48 15.63
N VAL B 51 -10.76 -11.36 14.85
CA VAL B 51 -11.02 -12.71 15.30
C VAL B 51 -9.78 -13.58 15.13
N ASN B 52 -9.72 -14.65 15.93
CA ASN B 52 -8.64 -15.63 15.84
C ASN B 52 -9.23 -17.04 15.80
N ASP B 53 -10.33 -17.24 16.51
CA ASP B 53 -11.08 -18.50 16.50
C ASP B 53 -12.53 -18.14 16.25
N LEU B 54 -13.04 -18.51 15.07
CA LEU B 54 -14.41 -18.11 14.72
C LEU B 54 -15.43 -18.90 15.52
N GLU B 55 -15.20 -20.19 15.74
CA GLU B 55 -16.15 -20.98 16.51
C GLU B 55 -16.19 -20.54 17.97
N SER B 56 -15.09 -19.97 18.47
CA SER B 56 -15.06 -19.48 19.85
C SER B 56 -15.78 -18.15 19.99
N VAL B 57 -15.60 -17.24 19.02
CA VAL B 57 -16.24 -15.94 19.11
C VAL B 57 -17.73 -16.05 18.84
N VAL B 58 -18.15 -17.07 18.08
CA VAL B 58 -19.58 -17.28 17.85
C VAL B 58 -20.27 -17.67 19.16
N LYS B 59 -19.64 -18.54 19.94
CA LYS B 59 -20.17 -18.88 21.26
C LYS B 59 -20.16 -17.67 22.19
N SER B 60 -19.07 -16.89 22.16
CA SER B 60 -18.94 -15.76 23.09
C SER B 60 -19.98 -14.68 22.83
N VAL B 61 -20.35 -14.47 21.57
CA VAL B 61 -21.37 -13.46 21.28
C VAL B 61 -22.78 -13.99 21.46
N GLN B 62 -22.97 -15.31 21.49
CA GLN B 62 -24.30 -15.85 21.74
C GLN B 62 -24.61 -15.91 23.23
N ARG B 63 -23.60 -16.11 24.09
CA ARG B 63 -23.84 -16.03 25.52
C ARG B 63 -24.35 -14.64 25.92
N ALA B 64 -23.73 -13.59 25.39
CA ALA B 64 -24.14 -12.23 25.73
C ALA B 64 -25.45 -11.85 25.07
N VAL B 65 -25.75 -12.40 23.89
CA VAL B 65 -27.01 -12.10 23.25
C VAL B 65 -28.16 -12.90 23.86
N ASP B 66 -27.84 -13.99 24.57
CA ASP B 66 -28.84 -14.77 25.28
C ASP B 66 -29.11 -14.19 26.67
N GLN B 67 -28.07 -13.66 27.32
CA GLN B 67 -28.23 -12.97 28.59
C GLN B 67 -28.94 -11.64 28.43
N ALA B 68 -28.99 -11.10 27.20
CA ALA B 68 -29.68 -9.86 26.93
C ALA B 68 -31.12 -10.06 26.48
N GLU B 69 -31.44 -11.24 25.92
CA GLU B 69 -32.82 -11.54 25.58
C GLU B 69 -33.63 -11.97 26.79
N LEU B 70 -33.00 -12.66 27.75
CA LEU B 70 -33.69 -13.01 28.98
C LEU B 70 -34.04 -11.78 29.80
N MET B 71 -33.17 -10.76 29.77
CA MET B 71 -33.36 -9.57 30.59
C MET B 71 -34.03 -8.44 29.81
N ALA B 72 -34.80 -8.76 28.77
CA ALA B 72 -35.49 -7.76 27.99
C ALA B 72 -36.81 -8.29 27.46
N GLU B 73 -36.96 -9.62 27.47
CA GLU B 73 -38.21 -10.30 27.07
C GLU B 73 -38.54 -10.03 25.61
N CYS B 74 -37.56 -10.26 24.74
CA CYS B 74 -37.76 -10.09 23.30
C CYS B 74 -36.58 -10.71 22.57
N GLN B 75 -36.86 -11.30 21.41
CA GLN B 75 -35.80 -11.87 20.59
C GLN B 75 -35.09 -10.78 19.79
N ILE B 76 -33.79 -10.98 19.57
CA ILE B 76 -32.96 -10.02 18.86
C ILE B 76 -32.83 -10.48 17.41
N SER B 77 -33.01 -9.55 16.47
CA SER B 77 -32.90 -9.84 15.05
C SER B 77 -31.81 -8.99 14.40
N SER B 78 -32.04 -7.69 14.21
CA SER B 78 -31.06 -6.80 13.59
C SER B 78 -30.25 -6.12 14.68
N VAL B 79 -28.93 -6.10 14.50
CA VAL B 79 -28.01 -5.57 15.49
C VAL B 79 -27.11 -4.53 14.83
N PHE B 80 -26.44 -3.75 15.68
CA PHE B 80 -25.43 -2.78 15.26
C PHE B 80 -24.11 -3.22 15.87
N ILE B 81 -23.22 -3.76 15.05
CA ILE B 81 -21.95 -4.27 15.53
C ILE B 81 -20.89 -3.20 15.37
N SER B 82 -19.84 -3.31 16.17
CA SER B 82 -18.70 -2.41 16.11
C SER B 82 -17.48 -3.17 15.60
N LEU B 83 -16.54 -2.43 15.02
CA LEU B 83 -15.33 -3.05 14.49
C LEU B 83 -14.18 -2.07 14.65
N SER B 84 -13.00 -2.60 14.94
CA SER B 84 -11.80 -1.80 15.07
C SER B 84 -10.57 -2.69 14.84
N GLY B 85 -9.44 -2.04 14.66
CA GLY B 85 -8.21 -2.75 14.36
C GLY B 85 -7.21 -1.82 13.72
N LYS B 86 -5.96 -2.29 13.64
CA LYS B 86 -4.90 -1.46 13.09
C LYS B 86 -5.15 -1.09 11.64
N HIS B 87 -6.02 -1.83 10.95
CA HIS B 87 -6.34 -1.55 9.56
C HIS B 87 -7.28 -0.36 9.37
N ILE B 88 -7.86 0.16 10.45
CA ILE B 88 -8.78 1.29 10.35
C ILE B 88 -7.99 2.52 9.94
N ALA B 89 -8.32 3.07 8.77
CA ALA B 89 -7.65 4.25 8.23
C ALA B 89 -8.67 5.35 7.98
N SER B 90 -8.22 6.60 8.14
CA SER B 90 -9.06 7.77 7.97
C SER B 90 -8.55 8.62 6.83
N ARG B 91 -9.48 9.13 6.01
CA ARG B 91 -9.14 9.95 4.85
C ARG B 91 -10.07 11.15 4.78
N ILE B 92 -9.49 12.33 4.55
CA ILE B 92 -10.25 13.55 4.30
C ILE B 92 -10.28 13.77 2.79
N GLU B 93 -11.48 13.77 2.22
CA GLU B 93 -11.64 13.96 0.78
C GLU B 93 -12.67 15.04 0.52
N LYS B 94 -12.47 15.75 -0.59
CA LYS B 94 -13.32 16.87 -0.96
C LYS B 94 -14.00 16.60 -2.29
N GLY B 95 -15.28 16.94 -2.39
CA GLY B 95 -16.03 16.78 -3.61
C GLY B 95 -16.82 18.04 -3.92
N MET B 96 -17.33 18.09 -5.15
CA MET B 96 -18.09 19.25 -5.61
C MET B 96 -18.99 18.84 -6.75
N GLY B 97 -19.98 19.69 -7.02
CA GLY B 97 -20.93 19.41 -8.08
C GLY B 97 -21.87 20.58 -8.27
N THR B 98 -22.54 20.58 -9.44
CA THR B 98 -23.45 21.66 -9.77
C THR B 98 -24.77 21.52 -8.99
N ILE B 99 -25.58 22.56 -9.06
CA ILE B 99 -26.87 22.64 -8.38
C ILE B 99 -27.92 22.90 -9.44
N SER B 100 -28.60 21.85 -9.88
CA SER B 100 -29.68 22.00 -10.85
C SER B 100 -30.86 22.76 -10.24
N GLU B 101 -31.60 23.46 -11.09
CA GLU B 101 -32.79 24.23 -10.71
C GLU B 101 -32.47 25.39 -9.78
N GLU B 102 -31.19 25.74 -9.60
CA GLU B 102 -30.76 26.81 -8.71
C GLU B 102 -31.32 26.66 -7.31
N GLU B 103 -31.52 25.41 -6.89
CA GLU B 103 -32.00 25.10 -5.55
C GLU B 103 -31.56 23.68 -5.24
N VAL B 104 -30.61 23.53 -4.32
CA VAL B 104 -29.97 22.24 -4.06
C VAL B 104 -30.99 21.29 -3.43
N SER B 105 -31.18 20.15 -4.08
CA SER B 105 -32.05 19.09 -3.62
C SER B 105 -31.20 17.97 -3.00
N GLN B 106 -31.81 16.80 -2.82
CA GLN B 106 -31.07 15.67 -2.26
C GLN B 106 -30.13 15.04 -3.28
N ASP B 107 -30.51 15.06 -4.56
CA ASP B 107 -29.65 14.48 -5.59
C ASP B 107 -28.37 15.31 -5.76
N ASP B 108 -28.48 16.63 -5.62
CA ASP B 108 -27.31 17.49 -5.80
C ASP B 108 -26.26 17.28 -4.70
N MET B 109 -26.66 16.76 -3.53
CA MET B 109 -25.69 16.45 -2.49
C MET B 109 -25.09 15.06 -2.65
N ASP B 110 -25.90 14.08 -3.03
CA ASP B 110 -25.39 12.73 -3.22
C ASP B 110 -24.39 12.68 -4.38
N ARG B 111 -24.64 13.46 -5.43
CA ARG B 111 -23.70 13.53 -6.53
C ARG B 111 -22.40 14.22 -6.13
N ALA B 112 -22.47 15.18 -5.19
CA ALA B 112 -21.27 15.82 -4.69
C ALA B 112 -20.52 14.96 -3.70
N ILE B 113 -21.23 14.17 -2.90
CA ILE B 113 -20.57 13.23 -2.01
C ILE B 113 -20.04 12.04 -2.79
N HIS B 114 -20.72 11.64 -3.87
CA HIS B 114 -20.25 10.53 -4.68
C HIS B 114 -18.89 10.83 -5.30
N THR B 115 -18.70 12.08 -5.77
CA THR B 115 -17.40 12.45 -6.32
C THR B 115 -16.33 12.54 -5.25
N ALA B 116 -16.71 12.74 -3.99
CA ALA B 116 -15.72 12.85 -2.93
C ALA B 116 -15.25 11.49 -2.44
N LYS B 117 -16.13 10.49 -2.42
CA LYS B 117 -15.80 9.17 -1.92
C LYS B 117 -15.39 8.19 -3.01
N SER B 118 -15.44 8.60 -4.27
CA SER B 118 -15.00 7.75 -5.38
C SER B 118 -13.49 7.94 -5.55
N ILE B 119 -12.73 7.23 -4.73
CA ILE B 119 -11.29 7.31 -4.71
C ILE B 119 -10.71 5.95 -5.10
N LYS B 120 -9.40 5.95 -5.36
CA LYS B 120 -8.66 4.73 -5.65
C LYS B 120 -8.49 3.95 -4.36
N ILE B 121 -9.29 2.90 -4.18
CA ILE B 121 -9.35 2.17 -2.92
C ILE B 121 -8.54 0.88 -2.96
N GLY B 122 -8.67 0.11 -4.03
CA GLY B 122 -8.02 -1.19 -4.07
C GLY B 122 -9.02 -2.30 -3.82
N ASP B 123 -8.60 -3.35 -3.12
CA ASP B 123 -9.51 -4.42 -2.73
C ASP B 123 -9.36 -4.87 -1.28
N GLU B 124 -8.16 -4.83 -0.69
CA GLU B 124 -8.00 -5.17 0.72
C GLU B 124 -8.80 -4.25 1.63
N GLN B 125 -9.18 -3.06 1.17
CA GLN B 125 -9.90 -2.10 1.98
C GLN B 125 -11.38 -2.07 1.62
N ARG B 126 -12.19 -1.75 2.63
CA ARG B 126 -13.62 -1.54 2.46
C ARG B 126 -13.99 -0.32 3.30
N ILE B 127 -14.79 0.57 2.71
CA ILE B 127 -15.18 1.80 3.36
C ILE B 127 -16.46 1.57 4.14
N LEU B 128 -16.50 1.99 5.41
CA LEU B 128 -17.66 1.78 6.26
C LEU B 128 -18.30 3.06 6.78
N HIS B 129 -17.62 4.20 6.70
CA HIS B 129 -18.18 5.46 7.18
C HIS B 129 -17.93 6.58 6.18
N VAL B 130 -18.99 7.31 5.84
CA VAL B 130 -18.92 8.51 5.02
C VAL B 130 -19.62 9.61 5.79
N ILE B 131 -18.86 10.60 6.25
CA ILE B 131 -19.41 11.64 7.11
C ILE B 131 -19.25 12.99 6.43
N PRO B 132 -20.27 13.48 5.70
CA PRO B 132 -20.19 14.82 5.11
C PRO B 132 -20.15 15.87 6.21
N GLN B 133 -19.07 16.68 6.20
CA GLN B 133 -18.84 17.61 7.28
C GLN B 133 -19.31 19.01 6.95
N GLU B 134 -18.60 19.69 6.05
CA GLU B 134 -18.84 21.10 5.77
C GLU B 134 -19.12 21.30 4.29
N PHE B 135 -20.17 22.06 3.98
CA PHE B 135 -20.52 22.40 2.62
C PHE B 135 -20.10 23.84 2.32
N THR B 136 -20.19 24.20 1.03
CA THR B 136 -19.76 25.53 0.59
C THR B 136 -20.55 25.86 -0.69
N ILE B 137 -21.71 26.50 -0.49
CA ILE B 137 -22.58 26.89 -1.60
C ILE B 137 -22.19 28.31 -2.01
N ASP B 138 -21.34 28.43 -3.04
CA ASP B 138 -21.03 29.71 -3.67
C ASP B 138 -20.54 30.76 -2.68
N TYR B 139 -19.27 30.69 -2.30
CA TYR B 139 -18.62 31.60 -1.36
C TYR B 139 -19.27 31.63 0.03
N GLN B 140 -20.24 30.74 0.29
CA GLN B 140 -20.93 30.67 1.59
C GLN B 140 -20.38 29.49 2.37
N GLU B 141 -19.29 29.74 3.09
CA GLU B 141 -18.60 28.70 3.84
C GLU B 141 -19.38 28.35 5.12
N GLY B 142 -19.15 27.14 5.61
CA GLY B 142 -19.75 26.71 6.87
C GLY B 142 -21.24 26.42 6.82
N ILE B 143 -21.65 25.36 6.14
CA ILE B 143 -23.05 24.97 6.04
C ILE B 143 -23.19 23.52 6.49
N LYS B 144 -24.09 23.29 7.45
CA LYS B 144 -24.23 21.96 8.05
C LYS B 144 -25.14 21.06 7.22
N ASN B 145 -26.32 21.54 6.85
CA ASN B 145 -27.27 20.77 6.05
C ASN B 145 -27.89 21.70 5.01
N PRO B 146 -27.36 21.68 3.79
CA PRO B 146 -27.79 22.63 2.75
C PRO B 146 -28.89 22.10 1.84
N LEU B 147 -30.07 21.84 2.40
CA LEU B 147 -31.23 21.42 1.61
C LEU B 147 -32.17 22.59 1.44
N GLY B 148 -32.48 22.95 0.20
CA GLY B 148 -33.34 24.07 -0.10
C GLY B 148 -32.63 25.35 -0.40
N LEU B 149 -31.35 25.45 -0.06
CA LEU B 149 -30.58 26.67 -0.29
C LEU B 149 -30.41 26.91 -1.79
N SER B 150 -30.30 28.18 -2.16
CA SER B 150 -30.13 28.57 -3.55
C SER B 150 -28.66 28.81 -3.85
N GLY B 151 -28.27 28.47 -5.08
CA GLY B 151 -26.89 28.63 -5.51
C GLY B 151 -26.68 27.95 -6.84
N VAL B 152 -25.42 28.00 -7.28
CA VAL B 152 -25.04 27.43 -8.57
C VAL B 152 -24.12 26.23 -8.41
N ARG B 153 -23.25 26.21 -7.40
CA ARG B 153 -22.26 25.15 -7.24
C ARG B 153 -21.93 24.99 -5.77
N MET B 154 -21.78 23.74 -5.33
CA MET B 154 -21.48 23.44 -3.94
C MET B 154 -20.22 22.58 -3.87
N GLU B 155 -19.55 22.64 -2.72
CA GLU B 155 -18.38 21.84 -2.43
C GLU B 155 -18.53 21.18 -1.08
N VAL B 156 -18.05 19.96 -0.94
CA VAL B 156 -18.22 19.19 0.28
C VAL B 156 -16.85 18.73 0.75
N SER B 157 -16.68 18.62 2.06
CA SER B 157 -15.52 18.01 2.68
C SER B 157 -16.01 16.78 3.42
N VAL B 158 -15.67 15.60 2.92
CA VAL B 158 -16.19 14.33 3.41
C VAL B 158 -15.10 13.60 4.17
N HIS B 159 -15.43 13.07 5.34
CA HIS B 159 -14.51 12.27 6.13
C HIS B 159 -14.72 10.79 5.82
N LEU B 160 -13.66 10.12 5.38
CA LEU B 160 -13.72 8.72 5.01
C LEU B 160 -13.08 7.86 6.09
N ILE B 161 -13.72 6.74 6.39
CA ILE B 161 -13.21 5.75 7.34
C ILE B 161 -13.30 4.38 6.69
N SER B 162 -12.15 3.77 6.45
CA SER B 162 -12.07 2.46 5.80
C SER B 162 -11.44 1.44 6.74
N CYS B 163 -11.43 0.19 6.30
CA CYS B 163 -10.91 -0.91 7.10
C CYS B 163 -10.56 -2.07 6.16
N HIS B 164 -9.82 -3.03 6.69
CA HIS B 164 -9.50 -4.23 5.93
C HIS B 164 -10.77 -5.02 5.67
N ASN B 165 -10.97 -5.41 4.40
CA ASN B 165 -12.19 -6.12 4.02
C ASN B 165 -12.28 -7.48 4.70
N ASP B 166 -11.21 -8.27 4.58
CA ASP B 166 -11.25 -9.64 5.09
C ASP B 166 -11.42 -9.68 6.62
N MET B 167 -10.92 -8.68 7.33
CA MET B 167 -11.10 -8.64 8.77
C MET B 167 -12.49 -8.18 9.19
N ALA B 168 -13.25 -7.56 8.28
CA ALA B 168 -14.64 -7.22 8.57
C ALA B 168 -15.61 -8.31 8.14
N ARG B 169 -15.25 -9.09 7.11
CA ARG B 169 -16.08 -10.22 6.71
C ARG B 169 -16.12 -11.29 7.80
N ASN B 170 -15.00 -11.46 8.51
CA ASN B 170 -14.97 -12.42 9.62
C ASN B 170 -15.84 -11.95 10.77
N ILE B 171 -15.88 -10.64 11.02
CA ILE B 171 -16.70 -10.11 12.10
C ILE B 171 -18.18 -10.27 11.77
N ILE B 172 -18.54 -10.07 10.51
CA ILE B 172 -19.93 -10.25 10.09
C ILE B 172 -20.32 -11.72 10.15
N LYS B 173 -19.42 -12.61 9.77
CA LYS B 173 -19.74 -14.03 9.76
C LYS B 173 -20.02 -14.57 11.16
N ALA B 174 -19.31 -14.06 12.16
CA ALA B 174 -19.58 -14.49 13.53
C ALA B 174 -20.97 -14.08 13.99
N VAL B 175 -21.47 -12.94 13.53
CA VAL B 175 -22.79 -12.48 13.91
C VAL B 175 -23.87 -13.19 13.11
N GLU B 176 -23.61 -13.45 11.83
CA GLU B 176 -24.61 -14.10 10.98
C GLU B 176 -24.78 -15.58 11.33
N ARG B 177 -23.70 -16.24 11.78
CA ARG B 177 -23.80 -17.65 12.15
C ARG B 177 -24.66 -17.86 13.38
N CYS B 178 -24.89 -16.82 14.17
CA CYS B 178 -25.75 -16.90 15.35
C CYS B 178 -27.22 -16.68 15.03
N GLY B 179 -27.55 -16.34 13.78
CA GLY B 179 -28.92 -16.08 13.40
C GLY B 179 -29.30 -14.62 13.35
N LEU B 180 -28.34 -13.71 13.43
CA LEU B 180 -28.61 -12.28 13.42
C LEU B 180 -28.27 -11.68 12.06
N LYS B 181 -28.71 -10.44 11.86
CA LYS B 181 -28.41 -9.67 10.67
C LYS B 181 -27.74 -8.37 11.10
N VAL B 182 -26.61 -8.06 10.48
CA VAL B 182 -25.90 -6.83 10.79
C VAL B 182 -26.56 -5.66 10.06
N GLU B 183 -26.90 -4.61 10.80
CA GLU B 183 -27.49 -3.44 10.17
C GLU B 183 -26.43 -2.48 9.65
N GLN B 184 -25.34 -2.32 10.37
CA GLN B 184 -24.24 -1.44 9.98
C GLN B 184 -23.03 -1.76 10.84
N LEU B 185 -21.85 -1.53 10.27
CA LEU B 185 -20.60 -1.71 10.99
C LEU B 185 -20.10 -0.33 11.40
N VAL B 186 -19.92 -0.13 12.71
CA VAL B 186 -19.54 1.15 13.28
C VAL B 186 -18.12 1.06 13.79
N PHE B 187 -17.36 2.14 13.59
CA PHE B 187 -16.01 2.19 14.14
C PHE B 187 -16.07 2.36 15.65
N SER B 188 -15.24 1.60 16.36
CA SER B 188 -15.33 1.54 17.82
C SER B 188 -15.02 2.90 18.46
N GLY B 189 -14.04 3.62 17.93
CA GLY B 189 -13.69 4.91 18.51
C GLY B 189 -14.75 5.97 18.27
N LEU B 190 -15.51 5.83 17.18
CA LEU B 190 -16.58 6.79 16.91
C LEU B 190 -17.78 6.54 17.81
N ALA B 191 -18.04 5.28 18.18
CA ALA B 191 -19.14 4.98 19.07
C ALA B 191 -18.82 5.42 20.51
N SER B 192 -17.63 5.11 20.99
CA SER B 192 -17.23 5.55 22.33
C SER B 192 -17.21 7.07 22.42
N SER B 193 -16.80 7.74 21.34
CA SER B 193 -16.83 9.20 21.33
C SER B 193 -18.26 9.73 21.37
N ASN B 194 -19.16 9.10 20.62
CA ASN B 194 -20.55 9.53 20.55
C ASN B 194 -21.37 9.16 21.79
N ALA B 195 -20.69 8.85 22.91
CA ALA B 195 -21.41 8.51 24.13
C ALA B 195 -20.59 8.79 25.38
N VAL B 196 -19.62 9.70 25.31
CA VAL B 196 -18.74 9.99 26.44
C VAL B 196 -18.52 11.49 26.53
N ILE B 197 -18.36 12.15 25.39
CA ILE B 197 -18.16 13.58 25.34
C ILE B 197 -19.44 14.27 24.91
N THR B 198 -19.58 15.53 25.28
CA THR B 198 -20.72 16.35 24.92
C THR B 198 -20.32 17.32 23.80
N GLU B 199 -21.33 17.87 23.12
CA GLU B 199 -21.07 18.87 22.08
C GLU B 199 -20.32 20.07 22.64
N ASP B 200 -20.59 20.44 23.90
CA ASP B 200 -19.83 21.52 24.53
C ASP B 200 -18.35 21.16 24.62
N GLU B 201 -18.04 19.95 25.05
CA GLU B 201 -16.66 19.49 25.09
C GLU B 201 -16.08 19.31 23.68
N ARG B 202 -16.94 19.21 22.68
CA ARG B 202 -16.54 19.01 21.29
C ARG B 202 -16.23 20.31 20.56
N GLU B 203 -16.79 21.43 21.02
CA GLU B 203 -16.61 22.70 20.31
C GLU B 203 -15.17 23.18 20.39
N LEU B 204 -14.58 23.16 21.59
CA LEU B 204 -13.20 23.63 21.75
C LEU B 204 -12.22 22.66 21.11
N GLY B 205 -12.29 21.40 21.49
CA GLY B 205 -11.42 20.37 20.96
C GLY B 205 -11.25 19.27 21.98
N VAL B 206 -11.13 18.03 21.49
CA VAL B 206 -11.04 16.87 22.35
C VAL B 206 -10.26 15.79 21.61
N CYS B 207 -9.77 14.81 22.37
CA CYS B 207 -9.08 13.65 21.81
C CYS B 207 -9.50 12.44 22.65
N VAL B 208 -10.42 11.65 22.12
CA VAL B 208 -10.97 10.50 22.85
C VAL B 208 -10.16 9.26 22.50
N VAL B 209 -9.72 8.53 23.52
CA VAL B 209 -9.02 7.26 23.35
C VAL B 209 -9.78 6.19 24.12
N ASP B 210 -9.89 5.00 23.52
CA ASP B 210 -10.61 3.87 24.11
C ASP B 210 -9.62 2.73 24.31
N ILE B 211 -8.81 2.82 25.37
CA ILE B 211 -7.85 1.77 25.66
C ILE B 211 -8.60 0.55 26.20
N GLY B 212 -8.57 -0.54 25.46
CA GLY B 212 -9.22 -1.76 25.86
C GLY B 212 -8.24 -2.89 26.09
N ALA B 213 -8.59 -4.10 25.66
CA ALA B 213 -7.69 -5.23 25.79
C ALA B 213 -6.76 -5.36 24.59
N GLY B 214 -7.31 -5.41 23.38
CA GLY B 214 -6.50 -5.61 22.20
C GLY B 214 -6.03 -4.33 21.54
N THR B 215 -6.92 -3.34 21.44
CA THR B 215 -6.62 -2.12 20.71
C THR B 215 -7.13 -0.91 21.48
N MET B 216 -6.52 0.24 21.20
CA MET B 216 -7.00 1.53 21.67
C MET B 216 -7.40 2.36 20.46
N ASP B 217 -8.57 2.99 20.55
CA ASP B 217 -9.17 3.68 19.42
C ASP B 217 -9.14 5.18 19.68
N ILE B 218 -8.58 5.94 18.73
CA ILE B 218 -8.35 7.36 18.89
C ILE B 218 -9.27 8.13 17.96
N SER B 219 -9.91 9.17 18.48
CA SER B 219 -10.76 10.06 17.70
C SER B 219 -10.49 11.49 18.14
N ILE B 220 -10.36 12.39 17.17
CA ILE B 220 -10.01 13.79 17.42
C ILE B 220 -11.09 14.67 16.81
N TRP B 221 -11.72 15.50 17.64
CA TRP B 221 -12.74 16.44 17.22
C TRP B 221 -12.30 17.85 17.57
N THR B 222 -12.09 18.68 16.56
CA THR B 222 -11.69 20.08 16.75
C THR B 222 -12.71 20.96 16.05
N GLY B 223 -13.79 21.27 16.75
CA GLY B 223 -14.84 22.12 16.21
C GLY B 223 -16.18 21.42 16.05
N GLY B 224 -16.30 20.15 16.39
CA GLY B 224 -17.54 19.40 16.19
C GLY B 224 -17.53 18.45 15.03
N ALA B 225 -16.37 18.12 14.47
CA ALA B 225 -16.26 17.21 13.35
C ALA B 225 -15.04 16.33 13.52
N LEU B 226 -15.16 15.07 13.11
CA LEU B 226 -14.06 14.12 13.22
C LEU B 226 -12.93 14.53 12.29
N ARG B 227 -11.75 14.78 12.86
CA ARG B 227 -10.60 15.23 12.09
C ARG B 227 -9.63 14.11 11.73
N HIS B 228 -9.47 13.10 12.61
CA HIS B 228 -8.59 11.99 12.33
C HIS B 228 -9.05 10.77 13.12
N THR B 229 -8.65 9.60 12.63
CA THR B 229 -8.98 8.32 13.26
C THR B 229 -7.77 7.41 13.12
N GLU B 230 -7.26 6.93 14.26
CA GLU B 230 -6.10 6.05 14.29
C GLU B 230 -6.29 5.00 15.37
N VAL B 231 -5.78 3.79 15.10
CA VAL B 231 -5.93 2.66 16.01
C VAL B 231 -4.61 1.93 16.10
N PHE B 232 -4.17 1.63 17.33
CA PHE B 232 -2.99 0.82 17.57
C PHE B 232 -3.41 -0.50 18.21
N SER B 233 -2.62 -1.55 17.96
CA SER B 233 -2.95 -2.88 18.46
C SER B 233 -2.27 -3.20 19.79
N TYR B 234 -1.85 -2.18 20.53
CA TYR B 234 -1.25 -2.37 21.85
C TYR B 234 -2.17 -1.74 22.89
N ALA B 235 -2.59 -2.53 23.87
CA ALA B 235 -3.55 -2.08 24.87
C ALA B 235 -3.40 -2.88 26.16
N GLY B 236 -4.52 -3.13 26.84
CA GLY B 236 -4.48 -3.75 28.16
C GLY B 236 -3.92 -5.16 28.18
N ASN B 237 -3.84 -5.82 27.03
CA ASN B 237 -3.25 -7.15 26.97
C ASN B 237 -1.74 -7.10 26.78
N ALA B 238 -1.21 -6.00 26.24
CA ALA B 238 0.23 -5.84 26.11
C ALA B 238 0.90 -5.48 27.43
N VAL B 239 0.16 -4.91 28.38
CA VAL B 239 0.71 -4.62 29.69
C VAL B 239 0.55 -5.82 30.63
N THR B 240 -0.51 -6.60 30.46
CA THR B 240 -0.67 -7.83 31.23
C THR B 240 0.46 -8.80 30.93
N SER B 241 0.87 -8.88 29.66
CA SER B 241 2.02 -9.71 29.30
C SER B 241 3.30 -9.21 29.96
N ASP B 242 3.46 -7.88 30.06
CA ASP B 242 4.63 -7.31 30.71
C ASP B 242 4.70 -7.73 32.18
N ILE B 243 3.56 -7.82 32.85
CA ILE B 243 3.54 -8.27 34.23
C ILE B 243 3.90 -9.75 34.32
N ALA B 244 3.26 -10.57 33.49
CA ALA B 244 3.49 -12.01 33.53
C ALA B 244 4.93 -12.36 33.16
N PHE B 245 5.58 -11.53 32.33
CA PHE B 245 6.95 -11.81 31.92
C PHE B 245 7.95 -11.33 32.97
N ALA B 246 7.79 -10.09 33.44
CA ALA B 246 8.75 -9.51 34.38
C ALA B 246 8.74 -10.22 35.73
N PHE B 247 7.68 -10.96 36.04
CA PHE B 247 7.58 -11.65 37.32
C PHE B 247 7.41 -13.16 37.19
N GLY B 248 7.37 -13.70 35.97
CA GLY B 248 7.25 -15.13 35.78
C GLY B 248 5.99 -15.73 36.37
N THR B 249 4.84 -15.31 35.88
CA THR B 249 3.55 -15.76 36.36
C THR B 249 2.63 -15.98 35.17
N PRO B 250 1.56 -16.77 35.33
CA PRO B 250 0.61 -16.96 34.23
C PRO B 250 -0.06 -15.66 33.83
N LEU B 251 -0.52 -15.64 32.57
CA LEU B 251 -1.27 -14.49 32.09
C LEU B 251 -2.61 -14.36 32.81
N SER B 252 -3.23 -15.50 33.15
CA SER B 252 -4.48 -15.47 33.89
C SER B 252 -4.30 -14.88 35.29
N ASP B 253 -3.12 -15.06 35.88
CA ASP B 253 -2.85 -14.51 37.20
C ASP B 253 -2.32 -13.08 37.14
N ALA B 254 -1.55 -12.74 36.10
CA ALA B 254 -1.06 -11.37 35.96
C ALA B 254 -2.17 -10.39 35.64
N GLU B 255 -3.33 -10.87 35.20
CA GLU B 255 -4.47 -10.00 34.94
C GLU B 255 -5.22 -9.65 36.22
N GLU B 256 -5.25 -10.57 37.18
CA GLU B 256 -5.95 -10.31 38.43
C GLU B 256 -5.17 -9.35 39.33
N ILE B 257 -3.83 -9.38 39.28
CA ILE B 257 -3.02 -8.49 40.09
C ILE B 257 -2.81 -7.15 39.40
N LYS B 258 -3.43 -6.93 38.25
CA LYS B 258 -3.47 -5.66 37.55
C LYS B 258 -4.80 -4.95 37.74
N VAL B 259 -5.91 -5.69 37.66
CA VAL B 259 -7.22 -5.10 37.95
C VAL B 259 -7.32 -4.71 39.42
N LYS B 260 -6.78 -5.54 40.31
CA LYS B 260 -6.93 -5.32 41.75
C LYS B 260 -5.83 -4.42 42.31
N TYR B 261 -4.58 -4.70 41.98
CA TYR B 261 -3.43 -4.01 42.57
C TYR B 261 -2.62 -3.28 41.52
N GLY B 262 -3.28 -2.73 40.51
CA GLY B 262 -2.60 -2.06 39.42
C GLY B 262 -2.52 -0.56 39.64
N CYS B 263 -1.39 0.01 39.23
CA CYS B 263 -1.18 1.46 39.31
C CYS B 263 -0.34 1.90 38.12
N ALA B 264 -0.68 3.05 37.56
CA ALA B 264 0.00 3.56 36.38
C ALA B 264 1.19 4.46 36.70
N LEU B 265 1.30 4.95 37.93
CA LEU B 265 2.40 5.82 38.33
C LEU B 265 2.97 5.29 39.63
N SER B 266 4.27 4.94 39.61
CA SER B 266 4.90 4.28 40.75
C SER B 266 4.97 5.17 41.98
N GLU B 267 4.90 6.49 41.82
CA GLU B 267 4.98 7.42 42.94
C GLU B 267 3.63 7.63 43.63
N LEU B 268 2.69 6.70 43.44
CA LEU B 268 1.38 6.77 44.08
C LEU B 268 1.12 5.57 45.00
N VAL B 269 2.15 4.81 45.36
CA VAL B 269 2.02 3.66 46.23
C VAL B 269 3.19 3.66 47.21
N SER B 270 2.88 3.40 48.48
CA SER B 270 3.88 3.41 49.54
C SER B 270 4.74 2.15 49.50
N LYS B 271 5.93 2.25 50.09
CA LYS B 271 6.83 1.10 50.16
C LYS B 271 6.31 -0.01 51.07
N ASP B 272 5.31 0.27 51.90
CA ASP B 272 4.72 -0.73 52.78
C ASP B 272 3.70 -1.60 52.08
N ASP B 273 3.27 -1.23 50.87
CA ASP B 273 2.27 -1.98 50.14
C ASP B 273 2.91 -3.19 49.48
N THR B 274 2.42 -4.37 49.82
CA THR B 274 2.90 -5.62 49.24
C THR B 274 1.72 -6.36 48.61
N VAL B 275 2.00 -7.06 47.51
CA VAL B 275 1.00 -7.81 46.78
C VAL B 275 1.41 -9.28 46.73
N ASN B 276 0.41 -10.15 46.65
CA ASN B 276 0.61 -11.60 46.66
C ASN B 276 0.42 -12.15 45.26
N VAL B 277 1.52 -12.49 44.60
CA VAL B 277 1.51 -13.10 43.27
C VAL B 277 1.58 -14.61 43.44
N PRO B 278 0.77 -15.38 42.73
CA PRO B 278 0.76 -16.83 42.91
C PRO B 278 1.89 -17.51 42.14
N SER B 279 1.96 -18.84 42.28
CA SER B 279 2.95 -19.66 41.62
C SER B 279 2.28 -20.84 40.92
N VAL B 280 2.99 -21.42 39.96
CA VAL B 280 2.45 -22.48 39.10
C VAL B 280 2.76 -23.84 39.71
N GLY B 281 1.82 -24.77 39.50
CA GLY B 281 1.96 -26.14 39.94
C GLY B 281 1.30 -26.45 41.27
N GLY B 282 1.20 -25.46 42.15
CA GLY B 282 0.67 -25.68 43.48
C GLY B 282 1.68 -25.24 44.52
N ARG B 283 2.50 -24.28 44.14
CA ARG B 283 3.63 -23.74 44.89
C ARG B 283 3.21 -22.47 45.64
N PRO B 284 3.95 -22.12 46.70
CA PRO B 284 3.55 -20.97 47.52
C PRO B 284 3.60 -19.66 46.74
N SER B 285 2.79 -18.71 47.18
CA SER B 285 2.68 -17.40 46.55
C SER B 285 3.70 -16.45 47.19
N ARG B 286 4.65 -15.98 46.40
CA ARG B 286 5.68 -15.08 46.91
C ARG B 286 5.18 -13.64 46.95
N SER B 287 5.57 -12.91 47.99
CA SER B 287 5.16 -11.53 48.14
C SER B 287 5.98 -10.61 47.24
N LEU B 288 5.33 -9.60 46.69
CA LEU B 288 5.96 -8.63 45.81
C LEU B 288 5.57 -7.23 46.24
N GLN B 289 6.52 -6.30 46.16
CA GLN B 289 6.24 -4.91 46.51
C GLN B 289 5.35 -4.28 45.46
N ARG B 290 4.23 -3.68 45.91
CA ARG B 290 3.32 -3.03 44.98
C ARG B 290 3.97 -1.89 44.23
N GLN B 291 4.91 -1.18 44.87
CA GLN B 291 5.63 -0.12 44.16
C GLN B 291 6.47 -0.69 43.03
N THR B 292 7.06 -1.87 43.24
CA THR B 292 7.84 -2.52 42.17
C THR B 292 6.93 -2.95 41.02
N LEU B 293 5.72 -3.42 41.34
CA LEU B 293 4.77 -3.77 40.28
C LEU B 293 4.36 -2.54 39.48
N ALA B 294 4.17 -1.41 40.15
CA ALA B 294 3.85 -0.17 39.44
C ALA B 294 4.99 0.32 38.56
N GLU B 295 6.23 -0.07 38.87
CA GLU B 295 7.37 0.27 38.02
C GLU B 295 7.40 -0.53 36.72
N VAL B 296 6.55 -1.55 36.59
CA VAL B 296 6.41 -2.29 35.34
C VAL B 296 5.27 -1.73 34.52
N ILE B 297 4.19 -1.30 35.18
CA ILE B 297 3.03 -0.77 34.47
C ILE B 297 3.27 0.66 33.98
N GLU B 298 4.15 1.40 34.65
CA GLU B 298 4.34 2.81 34.28
C GLU B 298 4.98 2.98 32.91
N PRO B 299 6.10 2.33 32.58
CA PRO B 299 6.71 2.58 31.26
C PRO B 299 5.85 2.15 30.09
N ARG B 300 4.95 1.18 30.29
CA ARG B 300 4.07 0.75 29.21
C ARG B 300 2.92 1.73 29.00
N TYR B 301 2.37 2.27 30.08
CA TYR B 301 1.27 3.23 29.94
C TYR B 301 1.76 4.55 29.35
N THR B 302 3.03 4.90 29.58
CA THR B 302 3.58 6.11 28.97
C THR B 302 3.90 5.91 27.50
N GLU B 303 4.25 4.68 27.11
CA GLU B 303 4.44 4.39 25.69
C GLU B 303 3.11 4.39 24.95
N LEU B 304 2.05 3.89 25.60
CA LEU B 304 0.73 3.93 25.00
C LEU B 304 0.23 5.36 24.83
N MET B 305 0.66 6.27 25.71
CA MET B 305 0.29 7.67 25.57
C MET B 305 1.26 8.44 24.68
N GLY B 306 2.48 7.95 24.51
CA GLY B 306 3.37 8.54 23.54
C GLY B 306 2.88 8.34 22.12
N LEU B 307 2.26 7.18 21.85
CA LEU B 307 1.65 6.95 20.55
C LEU B 307 0.48 7.88 20.32
N VAL B 308 -0.31 8.16 21.36
CA VAL B 308 -1.43 9.08 21.21
C VAL B 308 -0.92 10.51 21.06
N ASN B 309 0.12 10.88 21.82
CA ASN B 309 0.64 12.23 21.76
C ASN B 309 1.36 12.49 20.44
N GLN B 310 2.02 11.46 19.88
CA GLN B 310 2.69 11.64 18.59
C GLN B 310 1.68 11.69 17.44
N THR B 311 0.51 11.08 17.63
CA THR B 311 -0.56 11.21 16.64
C THR B 311 -1.15 12.61 16.67
N ILE B 312 -1.35 13.16 17.86
CA ILE B 312 -1.87 14.52 17.99
C ILE B 312 -0.93 15.52 17.34
N ASP B 313 0.38 15.35 17.55
CA ASP B 313 1.35 16.29 16.99
C ASP B 313 1.28 16.31 15.47
N ASN B 314 1.12 15.14 14.84
CA ASN B 314 1.02 15.10 13.39
C ASN B 314 -0.30 15.66 12.89
N VAL B 315 -1.36 15.58 13.70
CA VAL B 315 -2.67 16.08 13.27
C VAL B 315 -2.77 17.58 13.47
N GLN B 316 -2.30 18.08 14.61
CA GLN B 316 -2.32 19.52 14.84
C GLN B 316 -1.40 20.26 13.88
N ALA B 317 -0.33 19.62 13.41
CA ALA B 317 0.52 20.20 12.39
C ALA B 317 -0.09 20.11 11.00
N LYS B 318 -1.11 19.27 10.82
CA LYS B 318 -1.84 19.19 9.57
C LYS B 318 -3.17 19.93 9.62
N LEU B 319 -3.58 20.41 10.79
CA LEU B 319 -4.78 21.22 10.94
C LEU B 319 -4.50 22.69 11.08
N ARG B 320 -3.46 23.07 11.83
CA ARG B 320 -3.09 24.47 11.93
C ARG B 320 -2.43 24.97 10.65
N GLU B 321 -1.77 24.08 9.91
CA GLU B 321 -1.20 24.41 8.60
C GLU B 321 -2.15 24.06 7.48
N ASN B 322 -3.45 24.29 7.70
CA ASN B 322 -4.47 23.97 6.70
C ASN B 322 -5.73 24.79 6.93
N GLY B 323 -5.63 25.79 7.81
CA GLY B 323 -6.75 26.69 8.05
C GLY B 323 -7.93 26.07 8.76
N VAL B 324 -7.68 25.11 9.66
CA VAL B 324 -8.72 24.45 10.43
C VAL B 324 -8.34 24.50 11.89
N LYS B 325 -9.36 24.52 12.76
CA LYS B 325 -9.14 24.54 14.20
C LYS B 325 -8.21 23.40 14.61
N HIS B 326 -7.26 23.71 15.51
CA HIS B 326 -6.16 22.80 15.78
C HIS B 326 -5.90 22.55 17.26
N HIS B 327 -6.48 23.32 18.17
CA HIS B 327 -6.19 23.18 19.59
C HIS B 327 -7.30 22.40 20.29
N LEU B 328 -6.90 21.54 21.21
CA LEU B 328 -7.83 20.76 22.03
C LEU B 328 -7.91 21.47 23.38
N ALA B 329 -8.87 22.37 23.53
CA ALA B 329 -8.98 23.14 24.76
C ALA B 329 -9.69 22.38 25.87
N ALA B 330 -10.29 21.23 25.56
CA ALA B 330 -10.90 20.38 26.58
C ALA B 330 -10.05 19.16 26.91
N GLY B 331 -8.85 19.05 26.32
CA GLY B 331 -7.92 18.03 26.71
C GLY B 331 -8.19 16.68 26.06
N VAL B 332 -7.79 15.63 26.78
CA VAL B 332 -7.87 14.24 26.31
C VAL B 332 -8.79 13.46 27.24
N VAL B 333 -9.66 12.66 26.66
CA VAL B 333 -10.61 11.85 27.41
C VAL B 333 -10.20 10.38 27.28
N LEU B 334 -10.11 9.69 28.41
CA LEU B 334 -9.72 8.29 28.46
C LEU B 334 -10.94 7.46 28.82
N THR B 335 -11.29 6.50 27.95
CA THR B 335 -12.38 5.57 28.22
C THR B 335 -11.90 4.16 27.90
N GLY B 336 -12.78 3.19 28.12
CA GLY B 336 -12.44 1.79 27.96
C GLY B 336 -12.01 1.14 29.26
N GLY B 337 -11.93 -0.18 29.22
CA GLY B 337 -11.63 -0.94 30.42
C GLY B 337 -10.23 -0.67 30.95
N ALA B 338 -9.26 -0.50 30.05
CA ALA B 338 -7.89 -0.27 30.48
C ALA B 338 -7.66 1.13 31.02
N ALA B 339 -8.65 2.02 30.91
CA ALA B 339 -8.57 3.35 31.48
C ALA B 339 -9.04 3.39 32.93
N GLN B 340 -9.27 2.23 33.55
CA GLN B 340 -9.76 2.16 34.92
C GLN B 340 -8.67 1.88 35.94
N ILE B 341 -7.41 1.80 35.52
CA ILE B 341 -6.32 1.53 36.44
C ILE B 341 -5.99 2.81 37.20
N GLU B 342 -5.54 2.65 38.45
CA GLU B 342 -5.27 3.78 39.32
C GLU B 342 -4.13 4.63 38.75
N GLY B 343 -4.42 5.90 38.51
CA GLY B 343 -3.40 6.85 38.11
C GLY B 343 -3.34 7.19 36.63
N VAL B 344 -4.36 6.85 35.85
CA VAL B 344 -4.36 7.21 34.43
C VAL B 344 -4.35 8.71 34.25
N VAL B 345 -5.12 9.44 35.07
CA VAL B 345 -5.21 10.89 34.92
C VAL B 345 -3.86 11.55 35.14
N GLU B 346 -3.16 11.13 36.19
CA GLU B 346 -1.86 11.72 36.51
C GLU B 346 -0.75 11.20 35.61
N CYS B 347 -0.90 9.98 35.09
CA CYS B 347 0.09 9.44 34.17
C CYS B 347 -0.04 10.05 32.78
N ALA B 348 -1.25 10.41 32.38
CA ALA B 348 -1.46 11.00 31.06
C ALA B 348 -1.11 12.48 31.04
N GLU B 349 -1.40 13.19 32.14
CA GLU B 349 -1.07 14.61 32.21
C GLU B 349 0.44 14.84 32.13
N ARG B 350 1.25 13.84 32.44
CA ARG B 350 2.69 13.98 32.36
C ARG B 350 3.22 13.83 30.94
N VAL B 351 2.43 13.24 30.05
CA VAL B 351 2.82 13.09 28.65
C VAL B 351 2.09 14.08 27.76
N PHE B 352 0.78 14.24 27.97
CA PHE B 352 0.03 15.29 27.28
C PHE B 352 0.16 16.59 28.05
N ARG B 353 0.64 17.64 27.36
CA ARG B 353 0.74 18.94 28.00
C ARG B 353 -0.63 19.47 28.40
N ASN B 354 -1.70 18.98 27.77
CA ASN B 354 -3.05 19.43 28.03
C ASN B 354 -3.65 18.69 29.22
N GLN B 355 -4.86 19.10 29.61
CA GLN B 355 -5.58 18.44 30.69
C GLN B 355 -6.07 17.07 30.23
N VAL B 356 -6.36 16.21 31.21
CA VAL B 356 -6.83 14.86 30.95
C VAL B 356 -7.93 14.52 31.94
N ARG B 357 -9.03 13.96 31.44
CA ARG B 357 -10.10 13.42 32.27
C ARG B 357 -10.34 11.98 31.87
N VAL B 358 -11.17 11.28 32.65
CA VAL B 358 -11.53 9.90 32.40
C VAL B 358 -13.01 9.85 32.05
N GLY B 359 -13.31 9.38 30.84
CA GLY B 359 -14.68 9.40 30.36
C GLY B 359 -15.50 8.25 30.90
N LYS B 360 -16.82 8.44 30.86
CA LYS B 360 -17.78 7.46 31.35
C LYS B 360 -19.05 7.59 30.53
N PRO B 361 -19.76 6.49 30.29
CA PRO B 361 -21.04 6.59 29.55
C PRO B 361 -22.02 7.47 30.29
N LEU B 362 -22.51 8.50 29.60
CA LEU B 362 -23.38 9.51 30.19
C LEU B 362 -24.74 9.50 29.51
N GLU B 363 -25.71 10.13 30.16
CA GLU B 363 -27.08 10.27 29.65
C GLU B 363 -27.68 8.91 29.28
N VAL B 364 -27.51 7.94 30.18
CA VAL B 364 -28.13 6.64 30.04
C VAL B 364 -29.45 6.65 30.81
N SER B 365 -30.54 6.31 30.12
CA SER B 365 -31.87 6.34 30.72
C SER B 365 -32.19 4.96 31.25
N GLY B 366 -32.26 4.82 32.56
CA GLY B 366 -32.53 3.54 33.18
C GLY B 366 -31.32 2.62 33.15
N LEU B 367 -31.36 1.61 34.01
CA LEU B 367 -30.31 0.59 34.10
C LEU B 367 -28.94 1.20 34.37
N THR B 368 -28.90 2.28 35.15
CA THR B 368 -27.61 2.91 35.46
C THR B 368 -26.82 2.13 36.50
N ASP B 369 -27.24 0.90 36.79
CA ASP B 369 -26.49 -0.02 37.64
C ASP B 369 -25.68 -1.03 36.84
N TYR B 370 -25.88 -1.08 35.53
CA TYR B 370 -25.09 -1.93 34.65
C TYR B 370 -24.38 -1.15 33.55
N VAL B 371 -24.63 0.16 33.44
CA VAL B 371 -23.93 1.02 32.50
C VAL B 371 -23.16 2.06 33.30
N LYS B 372 -22.15 1.62 34.04
CA LYS B 372 -21.40 2.51 34.92
C LYS B 372 -19.94 2.63 34.49
N GLU B 373 -19.15 1.57 34.64
CA GLU B 373 -17.73 1.67 34.34
C GLU B 373 -17.50 1.95 32.86
N PRO B 374 -16.38 2.59 32.50
CA PRO B 374 -16.20 3.05 31.11
C PRO B 374 -15.93 1.95 30.10
N TYR B 375 -15.96 0.67 30.48
CA TYR B 375 -15.83 -0.39 29.48
C TYR B 375 -17.15 -0.65 28.76
N HIS B 376 -18.17 0.17 29.02
CA HIS B 376 -19.43 0.11 28.31
C HIS B 376 -19.61 1.26 27.33
N SER B 377 -18.59 2.11 27.17
CA SER B 377 -18.74 3.31 26.36
C SER B 377 -18.97 2.97 24.89
N THR B 378 -18.33 1.90 24.40
CA THR B 378 -18.52 1.53 23.00
C THR B 378 -19.90 0.93 22.78
N ALA B 379 -20.34 0.05 23.67
CA ALA B 379 -21.65 -0.59 23.51
C ALA B 379 -22.79 0.43 23.61
N VAL B 380 -22.63 1.44 24.47
CA VAL B 380 -23.66 2.45 24.59
C VAL B 380 -23.55 3.49 23.48
N GLY B 381 -22.42 3.55 22.77
CA GLY B 381 -22.32 4.40 21.61
C GLY B 381 -22.99 3.83 20.37
N LEU B 382 -23.14 2.50 20.31
CA LEU B 382 -23.90 1.90 19.22
C LEU B 382 -25.39 2.17 19.38
N LEU B 383 -25.88 2.26 20.62
CA LEU B 383 -27.28 2.62 20.84
C LEU B 383 -27.53 4.06 20.39
N HIS B 384 -26.59 4.96 20.67
CA HIS B 384 -26.68 6.33 20.20
C HIS B 384 -26.56 6.42 18.67
N TYR B 385 -25.92 5.43 18.04
CA TYR B 385 -25.75 5.46 16.59
C TYR B 385 -27.02 5.09 15.85
N ALA B 386 -27.92 4.33 16.46
CA ALA B 386 -29.15 3.93 15.78
C ALA B 386 -30.23 5.00 15.87
N ARG B 387 -30.12 5.95 16.81
CA ARG B 387 -31.03 7.09 16.79
C ARG B 387 -30.93 7.85 15.47
N ASP B 388 -29.71 8.04 14.97
CA ASP B 388 -29.53 8.68 13.68
C ASP B 388 -29.95 7.73 12.57
N SER B 389 -31.21 7.79 12.17
CA SER B 389 -31.74 6.91 11.14
C SER B 389 -32.83 7.59 10.32
PG ATP C . 11.56 4.07 -22.20
O1G ATP C . 12.76 3.79 -21.36
O2G ATP C . 10.85 2.80 -22.69
O3G ATP C . 10.55 4.99 -21.52
PB ATP C . 12.32 4.52 -25.05
O1B ATP C . 12.43 3.07 -25.28
O2B ATP C . 11.31 5.27 -25.90
O3B ATP C . 11.99 4.83 -23.53
PA ATP C . 15.06 4.99 -26.04
O1A ATP C . 15.90 4.03 -25.30
O2A ATP C . 14.65 4.55 -27.44
O3A ATP C . 13.72 5.26 -25.23
O5' ATP C . 15.76 6.41 -26.12
C5' ATP C . 15.13 7.59 -25.58
C4' ATP C . 16.19 8.53 -25.05
O4' ATP C . 17.45 8.24 -25.70
C3' ATP C . 15.92 10.02 -25.27
O3' ATP C . 15.62 10.67 -24.04
C2' ATP C . 17.23 10.56 -25.89
O2' ATP C . 17.69 11.75 -25.24
C1' ATP C . 18.22 9.41 -25.66
N9 ATP C . 19.26 9.31 -26.68
C8 ATP C . 19.15 8.75 -27.92
N7 ATP C . 20.25 8.79 -28.63
C5 ATP C . 21.15 9.44 -27.80
C6 ATP C . 22.50 9.80 -27.95
N6 ATP C . 23.22 9.55 -29.06
N1 ATP C . 23.11 10.43 -26.92
C2 ATP C . 22.40 10.69 -25.83
N3 ATP C . 21.13 10.39 -25.55
C4 ATP C . 20.56 9.76 -26.59
MG MG D . 12.54 1.20 -23.92
PG ATP E . -10.96 -3.75 22.72
O1G ATP E . -10.87 -2.28 22.89
O2G ATP E . -12.09 -4.21 21.79
O3G ATP E . -9.65 -4.41 22.27
PB ATP E . -12.53 -4.75 25.07
O1B ATP E . -13.75 -4.04 24.61
O2B ATP E . -12.65 -6.27 25.22
O3B ATP E . -11.28 -4.46 24.12
PA ATP E . -12.64 -3.53 27.76
O1A ATP E . -12.93 -2.10 27.56
O2A ATP E . -13.87 -4.37 28.13
O3A ATP E . -12.00 -4.18 26.46
O5' ATP E . -11.53 -3.73 28.87
C5' ATP E . -10.70 -4.91 28.89
C4' ATP E . -9.33 -4.52 29.40
O4' ATP E . -9.47 -3.63 30.53
C3' ATP E . -8.45 -5.69 29.87
O3' ATP E . -7.15 -5.62 29.31
C2' ATP E . -8.40 -5.52 31.40
O2' ATP E . -7.14 -5.93 31.91
C1' ATP E . -8.57 -4.01 31.55
N9 ATP E . -9.10 -3.59 32.84
C8 ATP E . -10.39 -3.74 33.29
N7 ATP E . -10.60 -3.26 34.49
C5 ATP E . -9.36 -2.76 34.86
C6 ATP E . -8.90 -2.11 36.03
N6 ATP E . -9.68 -1.87 37.08
N1 ATP E . -7.60 -1.74 36.07
C2 ATP E . -6.82 -2.00 35.02
N3 ATP E . -7.13 -2.60 33.86
C4 ATP E . -8.43 -2.96 33.85
MG MG F . -13.76 -1.83 23.28
#